data_7B3B
#
_entry.id   7B3B
#
loop_
_entity.id
_entity.type
_entity.pdbx_description
1 polymer 'RNA-directed RNA polymerase nsp12'
2 polymer 'Non-structural protein 8'
3 polymer 'Non-structural protein 7'
4 polymer "DNA/RNA (5'-R(P*CP*UP*AP*CP*GP*CP*G)-D(P*(RMP))-R(P*UP*G)-3')"
5 polymer "RNA (5'-R(P*UP*GP*CP*AP*UP*CP*GP*CP*GP*UP*AP*G)-3')"
6 non-polymer 'ZINC ION'
#
loop_
_entity_poly.entity_id
_entity_poly.type
_entity_poly.pdbx_seq_one_letter_code
_entity_poly.pdbx_strand_id
1 'polypeptide(L)'
;SNASADAQSFLNRVCGVSAARLTPCGTGTSTDVVYRAFDIYNDKVAGFAKFLKTNCCRFQEKDEDDNLIDSYFVVKRHTF
SNYQHEETIYNLLKDCPAVAKHDFFKFRIDGDMVPHISRQRLTKYTMADLVYALRHFDEGNCDTLKEILVTYNCCDDDYF
NKKDWYDFVENPDILRVYANLGERVRQALLKTVQFCDAMRNAGIVGVLTLDNQDLNGNWYDFGDFIQTTPGSGVPVVDSY
YSLLMPILTLTRALTAESHVDTDLTKPYIKWDLLKYDFTEERLKLFDRYFKYWDQTYHPNCVNCLDDRCILHCANFNVLF
STVFPPTSFGPLVRKIFVDGVPFVVSTGYHFRELGVVHNQDVNLHSSRLSFKELLVYAADPAMHAASGNLLLDKRTTCFS
VAALTNNVAFQTVKPGNFNKDFYDFAVSKGFFKEGSSVELKHFFFAQDGNAAISDYDYYRYNLPTMCDIRQLLFVVEVVD
KYFDCYDGGCINANQVIVNNLDKSAGFPFNKWGKARLYYDSMSYEDQDALFAYTKRNVIPTITQMNLKYAISAKNRARTV
AGVSICSTMTNRQFHQKLLKSIAATRGATVVIGTSKFYGGWHNMLKTVYSDVENPHLMGWDYPKCDRAMPNMLRIMASLV
LARKHTTCCSLSHRFYRLANECAQVLSEMVMCGGSLYVKPGGTSSGDATTAYANSVFNICQAVTANVNALLSTDGNKIAD
KYVRNLQHRLYECLYRNRDVDTDFVNEFYAYLRKHFSMMILSDDAVVCFNSTYASQGLVASIKNFKSVLYYQNNVFMSEA
KCWTETDLTKGPHEFCSQHTMLVKQGDDYVYLPYPDPSRILGAGCFVDDIVKTDGTLMIERFVSLAIDAYPLTKHPNQEY
ADVFHLYLQYIRKLHDELTGHMLDMYSVMLTNDNTSRYWEPEFYEAMYTPHTVLQ
;
A
2 'polypeptide(L)'
;SNAAIASEFSSLPSYAAFATAQEAYEQAVANGDSEVVLKKLKKSLNVAKSEFDRDAAMQRKLEKMADQAMTQMYKQARSE
DKRAKVTSAMQTMLFTMLRKLDNDALNNIINNARDGCVPLNIIPLTTAAKLMVVIPDYNTYKNTCDGTTFTYASALWEIQ
QVVDADSKIVQLSEISMDNSPNLAWPLIVTALRANSAVKLQ
;
B
3 'polypeptide(L)'
;SNASKMSDVKCTSVVLLSVLQQLRVESSSKLWAQCVQLHNDILLAKDTTEAFEKMVSLLSVLLSMQGAVDINKLCEEMLD
NRATLQ
;
C
4 'polyribonucleotide' UGAGCCUACGCG(F86)UG P
5 'polyribonucleotide' UUUUCAUGCAUCGCGUAGGCUCAUACCGUAUUGAGACCUUUUGGUCUCAAUACGGUA T
#
loop_
_chem_comp.id
_chem_comp.type
_chem_comp.name
_chem_comp.formula
A RNA linking ADENOSINE-5'-MONOPHOSPHATE 'C10 H14 N5 O7 P'
C RNA linking CYTIDINE-5'-MONOPHOSPHATE 'C9 H14 N3 O8 P'
F86 non-polymer '[(2~{R},3~{S},4~{R},5~{R})-5-(4-azanylpyrrolo[2,1-f][1,2,4]triazin-7-yl)-5-cyano-3,4-bis(oxidanyl)oxolan-2-yl]methyl dihydrogen phosphate' 'C12 H14 N5 O7 P'
G RNA linking GUANOSINE-5'-MONOPHOSPHATE 'C10 H14 N5 O8 P'
U RNA linking URIDINE-5'-MONOPHOSPHATE 'C9 H13 N2 O9 P'
ZN non-polymer 'ZINC ION' 'Zn 2'
#
# COMPACT_ATOMS: atom_id res chain seq x y z
N VAL A 34 20.49 -27.68 -23.97
CA VAL A 34 20.51 -26.68 -22.90
C VAL A 34 19.19 -26.72 -22.13
N TYR A 35 19.01 -25.77 -21.23
CA TYR A 35 17.85 -25.74 -20.34
C TYR A 35 16.75 -24.89 -20.95
N ARG A 36 15.53 -25.44 -20.97
CA ARG A 36 14.35 -24.72 -21.40
C ARG A 36 13.21 -24.95 -20.41
N ALA A 37 12.38 -23.93 -20.24
CA ALA A 37 11.28 -24.02 -19.30
C ALA A 37 10.21 -24.95 -19.83
N PHE A 38 9.71 -25.84 -18.96
CA PHE A 38 8.69 -26.81 -19.32
C PHE A 38 7.67 -26.91 -18.19
N ASP A 39 6.41 -27.05 -18.57
CA ASP A 39 5.33 -27.39 -17.65
C ASP A 39 4.98 -28.85 -17.87
N ILE A 40 5.25 -29.69 -16.86
CA ILE A 40 5.15 -31.13 -16.99
C ILE A 40 4.24 -31.66 -15.88
N TYR A 41 3.50 -32.71 -16.21
CA TYR A 41 2.67 -33.40 -15.23
C TYR A 41 2.54 -34.85 -15.64
N ASN A 42 2.94 -35.76 -14.75
CA ASN A 42 2.85 -37.19 -15.01
C ASN A 42 3.07 -37.92 -13.70
N ASP A 43 2.90 -39.24 -13.75
CA ASP A 43 3.08 -40.06 -12.54
C ASP A 43 4.44 -39.83 -11.92
N LYS A 44 5.50 -39.73 -12.74
CA LYS A 44 6.85 -39.65 -12.20
C LYS A 44 7.12 -38.27 -11.61
N VAL A 45 6.88 -37.21 -12.38
CA VAL A 45 7.29 -35.86 -12.01
C VAL A 45 6.21 -34.88 -12.43
N ALA A 46 6.23 -33.71 -11.77
CA ALA A 46 5.31 -32.63 -12.10
C ALA A 46 5.94 -31.31 -11.70
N GLY A 47 5.42 -30.23 -12.29
CA GLY A 47 5.88 -28.89 -11.99
C GLY A 47 6.23 -28.10 -13.23
N PHE A 48 6.52 -26.82 -12.99
CA PHE A 48 6.88 -25.86 -14.03
C PHE A 48 8.31 -25.41 -13.77
N ALA A 49 9.27 -26.02 -14.47
CA ALA A 49 10.67 -25.79 -14.19
C ALA A 49 11.50 -26.00 -15.45
N LYS A 50 12.77 -25.63 -15.38
CA LYS A 50 13.67 -25.79 -16.50
C LYS A 50 14.20 -27.21 -16.58
N PHE A 51 14.22 -27.76 -17.80
CA PHE A 51 14.69 -29.12 -18.04
C PHE A 51 15.64 -29.12 -19.22
N LEU A 52 16.45 -30.17 -19.31
CA LEU A 52 17.33 -30.40 -20.45
C LEU A 52 16.60 -31.34 -21.42
N LYS A 53 16.04 -30.77 -22.47
CA LYS A 53 15.28 -31.54 -23.45
C LYS A 53 15.62 -31.12 -24.88
N ARG A 121 7.83 -22.73 -39.64
CA ARG A 121 9.03 -22.83 -38.84
C ARG A 121 8.74 -22.45 -37.40
N LEU A 122 9.63 -22.83 -36.48
CA LEU A 122 9.44 -22.64 -35.06
C LEU A 122 10.44 -21.62 -34.53
N THR A 123 9.97 -20.78 -33.61
CA THR A 123 10.84 -19.81 -32.96
C THR A 123 11.73 -20.49 -31.93
N LYS A 124 12.80 -19.79 -31.55
CA LYS A 124 13.76 -20.35 -30.60
C LYS A 124 13.17 -20.45 -29.20
N TYR A 125 12.49 -19.40 -28.76
CA TYR A 125 11.88 -19.37 -27.43
C TYR A 125 10.39 -19.59 -27.53
N THR A 126 9.82 -20.16 -26.48
CA THR A 126 8.39 -20.43 -26.39
C THR A 126 7.74 -19.46 -25.40
N MET A 127 6.43 -19.62 -25.22
CA MET A 127 5.72 -18.79 -24.24
C MET A 127 6.10 -19.18 -22.82
N ALA A 128 6.37 -20.47 -22.58
CA ALA A 128 6.79 -20.90 -21.25
C ALA A 128 8.09 -20.21 -20.84
N ASP A 129 8.99 -19.95 -21.80
CA ASP A 129 10.22 -19.25 -21.49
C ASP A 129 9.93 -17.85 -20.95
N LEU A 130 9.03 -17.12 -21.62
CA LEU A 130 8.68 -15.78 -21.16
C LEU A 130 8.02 -15.81 -19.79
N VAL A 131 7.08 -16.75 -19.59
CA VAL A 131 6.40 -16.82 -18.30
C VAL A 131 7.39 -17.14 -17.20
N TYR A 132 8.31 -18.09 -17.45
CA TYR A 132 9.31 -18.43 -16.46
C TYR A 132 10.21 -17.24 -16.16
N ALA A 133 10.65 -16.53 -17.20
CA ALA A 133 11.56 -15.41 -17.01
C ALA A 133 10.91 -14.30 -16.20
N LEU A 134 9.62 -14.04 -16.45
CA LEU A 134 8.95 -12.94 -15.75
C LEU A 134 8.40 -13.35 -14.39
N ARG A 135 8.26 -14.64 -14.12
CA ARG A 135 7.81 -15.11 -12.81
C ARG A 135 8.94 -15.61 -11.94
N HIS A 136 10.09 -15.97 -12.52
CA HIS A 136 11.28 -16.38 -11.78
C HIS A 136 12.42 -15.45 -12.18
N PHE A 137 12.34 -14.20 -11.72
CA PHE A 137 13.25 -13.14 -12.15
C PHE A 137 14.43 -13.04 -11.18
N ASP A 138 15.63 -13.20 -11.72
CA ASP A 138 16.86 -13.01 -10.96
C ASP A 138 17.76 -12.08 -11.76
N GLU A 139 18.11 -10.94 -11.16
CA GLU A 139 18.93 -9.95 -11.87
C GLU A 139 20.20 -10.56 -12.42
N GLY A 140 20.81 -11.48 -11.66
CA GLY A 140 22.06 -12.08 -12.09
C GLY A 140 21.93 -12.91 -13.35
N ASN A 141 20.79 -13.57 -13.53
CA ASN A 141 20.55 -14.44 -14.68
C ASN A 141 19.27 -13.98 -15.38
N CYS A 142 19.42 -13.05 -16.31
CA CYS A 142 18.30 -12.54 -17.11
C CYS A 142 18.50 -12.77 -18.60
N ASP A 143 19.47 -13.61 -18.99
CA ASP A 143 19.84 -13.71 -20.39
C ASP A 143 18.64 -14.03 -21.27
N THR A 144 17.76 -14.92 -20.83
CA THR A 144 16.61 -15.28 -21.64
C THR A 144 15.67 -14.09 -21.82
N LEU A 145 15.40 -13.35 -20.74
CA LEU A 145 14.53 -12.18 -20.84
C LEU A 145 15.16 -11.13 -21.73
N LYS A 146 16.46 -10.88 -21.57
CA LYS A 146 17.15 -9.92 -22.43
C LYS A 146 17.03 -10.31 -23.90
N GLU A 147 17.26 -11.58 -24.20
CA GLU A 147 17.22 -12.02 -25.59
C GLU A 147 15.80 -11.92 -26.16
N ILE A 148 14.79 -12.28 -25.36
CA ILE A 148 13.41 -12.15 -25.83
C ILE A 148 13.06 -10.69 -26.08
N LEU A 149 13.55 -9.79 -25.22
CA LEU A 149 13.22 -8.38 -25.38
C LEU A 149 13.90 -7.79 -26.60
N VAL A 150 15.18 -8.11 -26.83
CA VAL A 150 15.89 -7.54 -27.96
C VAL A 150 15.44 -8.17 -29.28
N THR A 151 15.05 -9.44 -29.25
CA THR A 151 14.65 -10.11 -30.49
C THR A 151 13.33 -9.57 -31.01
N TYR A 152 12.41 -9.23 -30.11
CA TYR A 152 11.09 -8.76 -30.48
C TYR A 152 10.92 -7.25 -30.33
N ASN A 153 12.03 -6.52 -30.25
CA ASN A 153 12.03 -5.06 -30.36
C ASN A 153 11.13 -4.42 -29.30
N CYS A 154 11.39 -4.76 -28.04
CA CYS A 154 10.87 -4.00 -26.91
C CYS A 154 11.85 -2.97 -26.42
N CYS A 155 13.15 -3.29 -26.47
CA CYS A 155 14.20 -2.34 -26.13
C CYS A 155 15.46 -2.77 -26.88
N ASP A 156 16.46 -1.89 -26.85
CA ASP A 156 17.77 -2.18 -27.43
C ASP A 156 18.72 -2.65 -26.34
N ASP A 157 19.82 -3.27 -26.77
CA ASP A 157 20.77 -3.81 -25.80
C ASP A 157 21.35 -2.71 -24.93
N ASP A 158 21.48 -1.50 -25.46
CA ASP A 158 21.99 -0.39 -24.66
C ASP A 158 21.15 -0.16 -23.41
N TYR A 159 19.84 -0.40 -23.51
CA TYR A 159 18.97 -0.26 -22.34
C TYR A 159 19.50 -1.06 -21.17
N PHE A 160 20.08 -2.23 -21.44
CA PHE A 160 20.56 -3.09 -20.36
C PHE A 160 21.83 -2.55 -19.73
N ASN A 161 22.62 -1.77 -20.48
CA ASN A 161 23.81 -1.16 -19.89
C ASN A 161 23.45 -0.33 -18.67
N LYS A 162 22.31 0.35 -18.71
CA LYS A 162 21.82 1.06 -17.55
C LYS A 162 21.56 0.08 -16.41
N LYS A 163 21.96 0.48 -15.20
CA LYS A 163 21.69 -0.32 -14.01
C LYS A 163 20.36 0.08 -13.40
N ASP A 164 19.77 -0.84 -12.64
CA ASP A 164 18.43 -0.67 -12.09
C ASP A 164 17.39 -0.55 -13.21
N TRP A 165 17.72 -1.08 -14.39
CA TRP A 165 16.77 -1.06 -15.50
C TRP A 165 15.53 -1.90 -15.16
N TYR A 166 15.72 -2.98 -14.42
CA TYR A 166 14.61 -3.87 -14.10
C TYR A 166 13.71 -3.29 -13.02
N ASP A 167 14.29 -2.56 -12.07
CA ASP A 167 13.51 -2.04 -10.95
C ASP A 167 12.44 -1.07 -11.44
N PHE A 168 11.20 -1.26 -10.96
CA PHE A 168 10.12 -0.38 -11.35
C PHE A 168 10.23 0.98 -10.69
N VAL A 169 10.67 1.02 -9.43
CA VAL A 169 10.72 2.27 -8.69
C VAL A 169 11.80 3.19 -9.26
N GLU A 170 13.01 2.67 -9.44
CA GLU A 170 14.10 3.50 -9.93
C GLU A 170 13.94 3.80 -11.41
N ASN A 171 13.54 2.81 -12.21
CA ASN A 171 13.37 2.97 -13.65
C ASN A 171 11.95 2.56 -14.02
N PRO A 172 10.98 3.48 -13.94
CA PRO A 172 9.61 3.14 -14.35
C PRO A 172 9.48 2.92 -15.85
N ASP A 173 10.43 3.39 -16.66
CA ASP A 173 10.32 3.24 -18.10
C ASP A 173 10.31 1.77 -18.51
N ILE A 174 10.73 0.86 -17.63
CA ILE A 174 10.64 -0.56 -17.94
C ILE A 174 9.21 -0.95 -18.23
N LEU A 175 8.25 -0.33 -17.53
CA LEU A 175 6.85 -0.62 -17.79
C LEU A 175 6.51 -0.42 -19.27
N ARG A 176 7.13 0.59 -19.89
CA ARG A 176 6.93 0.79 -21.32
C ARG A 176 7.53 -0.36 -22.12
N VAL A 177 8.78 -0.74 -21.78
CA VAL A 177 9.44 -1.81 -22.53
C VAL A 177 8.60 -3.08 -22.51
N TYR A 178 8.24 -3.54 -21.30
CA TYR A 178 7.37 -4.71 -21.20
C TYR A 178 6.10 -4.52 -22.00
N ALA A 179 5.52 -3.31 -21.96
CA ALA A 179 4.28 -3.07 -22.68
C ALA A 179 4.43 -3.32 -24.17
N ASN A 180 5.64 -3.13 -24.71
CA ASN A 180 5.85 -3.36 -26.14
C ASN A 180 5.63 -4.81 -26.51
N LEU A 181 5.68 -5.73 -25.55
CA LEU A 181 5.38 -7.13 -25.80
C LEU A 181 3.91 -7.47 -25.65
N GLY A 182 3.14 -6.60 -25.00
CA GLY A 182 1.76 -6.93 -24.68
C GLY A 182 0.98 -7.41 -25.88
N GLU A 183 1.04 -6.65 -26.98
CA GLU A 183 0.28 -7.03 -28.16
C GLU A 183 0.59 -8.46 -28.57
N ARG A 184 1.87 -8.82 -28.61
CA ARG A 184 2.21 -10.20 -28.96
C ARG A 184 1.47 -11.17 -28.05
N VAL A 185 1.57 -10.97 -26.73
CA VAL A 185 0.87 -11.83 -25.80
C VAL A 185 -0.60 -11.91 -26.17
N ARG A 186 -1.22 -10.75 -26.41
CA ARG A 186 -2.63 -10.74 -26.78
C ARG A 186 -2.88 -11.58 -28.02
N GLN A 187 -2.06 -11.39 -29.06
CA GLN A 187 -2.26 -12.13 -30.29
C GLN A 187 -1.90 -13.60 -30.13
N ALA A 188 -1.17 -13.96 -29.09
CA ALA A 188 -1.06 -15.37 -28.74
C ALA A 188 -2.36 -15.86 -28.11
N LEU A 189 -2.91 -15.10 -27.16
CA LEU A 189 -4.14 -15.51 -26.51
C LEU A 189 -5.23 -15.74 -27.54
N LEU A 190 -5.42 -14.79 -28.45
CA LEU A 190 -6.48 -14.92 -29.45
C LEU A 190 -6.23 -16.12 -30.34
N LYS A 191 -4.97 -16.49 -30.56
CA LYS A 191 -4.71 -17.70 -31.33
C LYS A 191 -5.07 -18.94 -30.53
N THR A 192 -4.76 -18.94 -29.23
CA THR A 192 -5.08 -20.10 -28.41
C THR A 192 -6.55 -20.47 -28.55
N VAL A 193 -7.43 -19.49 -28.39
CA VAL A 193 -8.87 -19.74 -28.55
C VAL A 193 -9.13 -20.46 -29.85
N GLN A 194 -8.61 -19.93 -30.96
CA GLN A 194 -8.82 -20.59 -32.25
C GLN A 194 -8.43 -22.05 -32.17
N PHE A 195 -7.22 -22.33 -31.69
CA PHE A 195 -6.78 -23.71 -31.57
C PHE A 195 -7.81 -24.53 -30.81
N CYS A 196 -8.22 -24.04 -29.63
CA CYS A 196 -9.22 -24.76 -28.85
C CYS A 196 -10.44 -25.07 -29.71
N ASP A 197 -10.97 -24.05 -30.40
CA ASP A 197 -12.12 -24.28 -31.26
C ASP A 197 -11.86 -25.46 -32.19
N ALA A 198 -10.74 -25.43 -32.91
CA ALA A 198 -10.42 -26.51 -33.83
C ALA A 198 -10.50 -27.85 -33.11
N MET A 199 -9.86 -27.96 -31.94
CA MET A 199 -9.88 -29.22 -31.22
C MET A 199 -11.30 -29.63 -30.88
N ARG A 200 -12.11 -28.69 -30.38
CA ARG A 200 -13.50 -29.01 -30.08
C ARG A 200 -14.21 -29.54 -31.32
N ASN A 201 -13.91 -28.95 -32.48
CA ASN A 201 -14.53 -29.42 -33.71
C ASN A 201 -13.98 -30.77 -34.14
N ALA A 202 -12.71 -31.05 -33.82
CA ALA A 202 -12.06 -32.29 -34.20
C ALA A 202 -12.25 -33.40 -33.17
N GLY A 203 -13.01 -33.15 -32.11
CA GLY A 203 -13.20 -34.16 -31.08
C GLY A 203 -11.92 -34.61 -30.43
N ILE A 204 -11.01 -33.67 -30.15
CA ILE A 204 -9.71 -33.97 -29.55
C ILE A 204 -9.74 -33.47 -28.12
N VAL A 205 -9.31 -34.33 -27.19
CA VAL A 205 -9.25 -33.99 -25.77
C VAL A 205 -7.78 -34.02 -25.36
N GLY A 206 -7.27 -32.88 -24.89
CA GLY A 206 -5.89 -32.80 -24.49
C GLY A 206 -5.65 -31.59 -23.61
N VAL A 207 -4.48 -31.59 -22.97
CA VAL A 207 -4.07 -30.50 -22.08
C VAL A 207 -3.16 -29.56 -22.87
N LEU A 208 -3.41 -28.26 -22.75
CA LEU A 208 -2.63 -27.24 -23.44
C LEU A 208 -1.58 -26.69 -22.47
N THR A 209 -0.32 -26.79 -22.86
CA THR A 209 0.80 -26.38 -22.03
C THR A 209 1.50 -25.17 -22.62
N LEU A 210 2.02 -24.30 -21.75
CA LEU A 210 2.67 -23.08 -22.21
C LEU A 210 3.91 -23.37 -23.03
N ASP A 211 4.64 -24.44 -22.70
CA ASP A 211 5.88 -24.75 -23.40
C ASP A 211 5.66 -25.26 -24.81
N ASN A 212 4.41 -25.31 -25.28
CA ASN A 212 4.09 -25.84 -26.60
C ASN A 212 3.50 -24.77 -27.52
N GLN A 213 3.57 -23.51 -27.14
CA GLN A 213 3.15 -22.40 -28.00
C GLN A 213 4.33 -21.44 -28.16
N ASP A 214 4.77 -21.25 -29.41
CA ASP A 214 5.85 -20.33 -29.67
C ASP A 214 5.41 -18.89 -29.40
N LEU A 215 6.38 -17.98 -29.33
CA LEU A 215 6.06 -16.59 -29.05
C LEU A 215 5.38 -15.91 -30.21
N ASN A 216 5.26 -16.57 -31.37
CA ASN A 216 4.44 -16.07 -32.46
C ASN A 216 2.98 -16.45 -32.30
N GLY A 217 2.64 -17.30 -31.33
CA GLY A 217 1.28 -17.70 -31.08
C GLY A 217 0.89 -19.04 -31.66
N ASN A 218 1.76 -19.67 -32.43
CA ASN A 218 1.43 -20.93 -33.09
C ASN A 218 1.57 -22.10 -32.12
N TRP A 219 0.61 -23.02 -32.18
CA TRP A 219 0.60 -24.21 -31.35
C TRP A 219 1.15 -25.37 -32.17
N TYR A 220 2.25 -25.97 -31.69
CA TYR A 220 2.93 -27.03 -32.42
C TYR A 220 2.88 -28.37 -31.70
N ASP A 221 2.03 -28.51 -30.68
CA ASP A 221 1.89 -29.76 -29.95
C ASP A 221 0.68 -30.53 -30.47
N PHE A 222 0.90 -31.77 -30.88
CA PHE A 222 -0.14 -32.69 -31.30
C PHE A 222 0.01 -34.01 -30.58
N GLY A 223 0.47 -33.95 -29.34
CA GLY A 223 0.62 -35.13 -28.50
C GLY A 223 -0.28 -35.04 -27.29
N ASP A 224 -0.61 -36.19 -26.69
CA ASP A 224 -1.63 -36.32 -25.65
C ASP A 224 -3.02 -36.09 -26.21
N PHE A 225 -3.15 -35.94 -27.52
CA PHE A 225 -4.42 -35.66 -28.18
C PHE A 225 -5.08 -36.97 -28.56
N ILE A 226 -6.23 -37.28 -27.95
CA ILE A 226 -6.95 -38.53 -28.18
C ILE A 226 -8.27 -38.19 -28.83
N GLN A 227 -8.53 -38.79 -29.99
CA GLN A 227 -9.75 -38.51 -30.73
C GLN A 227 -10.98 -39.00 -29.97
N THR A 228 -12.06 -38.23 -30.07
CA THR A 228 -13.34 -38.59 -29.48
C THR A 228 -14.43 -38.20 -30.47
N THR A 229 -15.66 -38.06 -29.97
CA THR A 229 -16.76 -37.65 -30.84
C THR A 229 -16.50 -36.24 -31.36
N PRO A 230 -16.69 -35.99 -32.66
CA PRO A 230 -16.51 -34.63 -33.17
C PRO A 230 -17.50 -33.67 -32.53
N GLY A 231 -17.00 -32.49 -32.16
CA GLY A 231 -17.80 -31.53 -31.43
C GLY A 231 -17.84 -31.75 -29.93
N SER A 232 -17.25 -32.84 -29.44
CA SER A 232 -17.21 -33.13 -28.02
C SER A 232 -15.84 -32.93 -27.40
N GLY A 233 -14.87 -32.44 -28.16
CA GLY A 233 -13.56 -32.20 -27.60
C GLY A 233 -13.59 -31.10 -26.55
N VAL A 234 -12.84 -31.32 -25.47
CA VAL A 234 -12.78 -30.39 -24.36
C VAL A 234 -11.32 -30.21 -23.96
N PRO A 235 -10.74 -29.02 -24.12
CA PRO A 235 -9.36 -28.79 -23.67
C PRO A 235 -9.28 -28.45 -22.20
N VAL A 236 -8.12 -28.77 -21.62
CA VAL A 236 -7.78 -28.39 -20.26
C VAL A 236 -6.84 -27.20 -20.35
N VAL A 237 -7.31 -26.04 -19.90
CA VAL A 237 -6.59 -24.78 -20.06
C VAL A 237 -6.35 -24.09 -18.73
N ASP A 238 -6.49 -24.82 -17.62
CA ASP A 238 -6.28 -24.21 -16.30
C ASP A 238 -4.85 -23.76 -16.13
N SER A 239 -3.89 -24.67 -16.34
CA SER A 239 -2.48 -24.35 -16.10
C SER A 239 -2.02 -23.22 -17.02
N TYR A 240 -2.35 -23.32 -18.31
CA TYR A 240 -1.89 -22.33 -19.29
C TYR A 240 -2.32 -20.92 -18.87
N TYR A 241 -3.63 -20.69 -18.81
CA TYR A 241 -4.13 -19.35 -18.50
C TYR A 241 -3.72 -18.93 -17.11
N SER A 242 -3.71 -19.85 -16.15
CA SER A 242 -3.37 -19.49 -14.77
C SER A 242 -1.93 -19.00 -14.69
N LEU A 243 -0.99 -19.71 -15.33
CA LEU A 243 0.40 -19.28 -15.29
C LEU A 243 0.62 -18.03 -16.14
N LEU A 244 -0.18 -17.82 -17.19
CA LEU A 244 0.02 -16.67 -18.05
C LEU A 244 -0.64 -15.41 -17.52
N MET A 245 -1.59 -15.53 -16.58
CA MET A 245 -2.31 -14.36 -16.09
C MET A 245 -1.39 -13.26 -15.59
N PRO A 246 -0.38 -13.52 -14.75
CA PRO A 246 0.44 -12.42 -14.25
C PRO A 246 1.13 -11.62 -15.34
N ILE A 247 1.45 -12.26 -16.47
CA ILE A 247 2.12 -11.55 -17.56
C ILE A 247 1.16 -10.62 -18.28
N LEU A 248 -0.12 -10.98 -18.32
CA LEU A 248 -1.09 -10.17 -19.05
C LEU A 248 -1.17 -8.75 -18.49
N THR A 249 -1.10 -8.61 -17.16
CA THR A 249 -1.22 -7.29 -16.55
C THR A 249 0.08 -6.50 -16.66
N LEU A 250 1.23 -7.18 -16.55
CA LEU A 250 2.51 -6.48 -16.60
C LEU A 250 2.78 -5.97 -18.01
N THR A 251 2.52 -6.78 -19.02
CA THR A 251 2.73 -6.38 -20.41
C THR A 251 1.59 -5.53 -20.96
N ARG A 252 0.54 -5.31 -20.19
CA ARG A 252 -0.62 -4.54 -20.64
C ARG A 252 -1.09 -5.04 -22.00
N ALA A 253 -1.51 -6.30 -22.03
CA ALA A 253 -1.81 -6.96 -23.30
C ALA A 253 -3.12 -6.50 -23.91
N LEU A 254 -4.09 -6.08 -23.09
CA LEU A 254 -5.41 -5.72 -23.57
C LEU A 254 -5.54 -4.23 -23.89
N THR A 255 -4.41 -3.55 -24.04
CA THR A 255 -4.46 -2.12 -24.35
C THR A 255 -5.13 -1.88 -25.70
N ALA A 256 -4.99 -2.81 -26.63
CA ALA A 256 -5.67 -2.69 -27.92
C ALA A 256 -7.18 -2.60 -27.74
N GLU A 257 -7.72 -3.17 -26.68
CA GLU A 257 -9.16 -3.10 -26.47
C GLU A 257 -9.62 -1.72 -26.05
N SER A 258 -8.71 -0.77 -25.84
CA SER A 258 -9.08 0.61 -25.54
C SER A 258 -9.17 1.47 -26.79
N HIS A 259 -9.06 0.88 -27.98
CA HIS A 259 -9.04 1.60 -29.24
C HIS A 259 -10.16 1.12 -30.13
N VAL A 260 -10.55 1.98 -31.08
CA VAL A 260 -11.61 1.65 -32.02
C VAL A 260 -11.16 0.48 -32.90
N ASP A 261 -12.04 -0.49 -33.07
CA ASP A 261 -11.79 -1.69 -33.86
C ASP A 261 -10.64 -2.53 -33.31
N THR A 262 -10.29 -2.33 -32.03
CA THR A 262 -9.22 -3.07 -31.38
C THR A 262 -7.91 -2.97 -32.17
N ASP A 263 -7.63 -1.76 -32.66
CA ASP A 263 -6.40 -1.48 -33.39
C ASP A 263 -5.73 -0.28 -32.76
N LEU A 264 -4.45 -0.43 -32.39
CA LEU A 264 -3.76 0.64 -31.67
C LEU A 264 -3.53 1.86 -32.54
N THR A 265 -3.43 1.67 -33.87
CA THR A 265 -3.19 2.81 -34.75
C THR A 265 -4.39 3.75 -34.77
N LYS A 266 -5.61 3.21 -34.70
CA LYS A 266 -6.81 4.02 -34.80
C LYS A 266 -7.09 4.73 -33.48
N PRO A 267 -7.96 5.75 -33.50
CA PRO A 267 -8.17 6.56 -32.30
C PRO A 267 -8.77 5.76 -31.15
N TYR A 268 -8.71 6.34 -29.96
CA TYR A 268 -9.33 5.75 -28.78
C TYR A 268 -10.85 5.78 -28.91
N ILE A 269 -11.49 4.79 -28.28
CA ILE A 269 -12.94 4.79 -28.19
C ILE A 269 -13.39 5.91 -27.27
N LYS A 270 -14.45 6.62 -27.66
CA LYS A 270 -15.01 7.70 -26.87
C LYS A 270 -16.30 7.19 -26.24
N TRP A 271 -16.21 6.75 -24.99
CA TRP A 271 -17.38 6.29 -24.26
C TRP A 271 -18.13 7.47 -23.65
N ASP A 272 -19.45 7.32 -23.55
CA ASP A 272 -20.26 8.37 -22.94
C ASP A 272 -19.86 8.55 -21.48
N LEU A 273 -19.65 9.80 -21.07
CA LEU A 273 -19.19 10.07 -19.72
C LEU A 273 -20.19 9.56 -18.69
N LEU A 274 -21.49 9.64 -18.99
CA LEU A 274 -22.52 9.23 -18.06
C LEU A 274 -22.66 7.72 -17.95
N LYS A 275 -22.03 6.96 -18.85
CA LYS A 275 -22.13 5.51 -18.80
C LYS A 275 -21.28 4.96 -17.66
N TYR A 276 -21.78 3.93 -16.99
CA TYR A 276 -21.04 3.26 -15.93
C TYR A 276 -21.17 1.75 -15.92
N ASP A 277 -22.16 1.16 -16.60
CA ASP A 277 -22.37 -0.28 -16.60
C ASP A 277 -21.67 -0.89 -17.82
N PHE A 278 -20.59 -1.61 -17.56
CA PHE A 278 -19.82 -2.28 -18.61
C PHE A 278 -19.94 -3.80 -18.50
N THR A 279 -21.10 -4.29 -18.04
CA THR A 279 -21.30 -5.73 -17.91
C THR A 279 -21.19 -6.42 -19.27
N GLU A 280 -21.84 -5.86 -20.29
CA GLU A 280 -21.82 -6.48 -21.60
C GLU A 280 -20.41 -6.48 -22.18
N GLU A 281 -19.67 -5.39 -21.98
CA GLU A 281 -18.29 -5.34 -22.46
C GLU A 281 -17.42 -6.39 -21.76
N ARG A 282 -17.63 -6.57 -20.45
CA ARG A 282 -16.88 -7.59 -19.73
C ARG A 282 -17.22 -8.99 -20.24
N LEU A 283 -18.51 -9.26 -20.47
CA LEU A 283 -18.89 -10.56 -21.01
C LEU A 283 -18.26 -10.78 -22.38
N LYS A 284 -18.25 -9.75 -23.23
CA LYS A 284 -17.65 -9.89 -24.55
C LYS A 284 -16.16 -10.15 -24.45
N LEU A 285 -15.46 -9.42 -23.58
CA LEU A 285 -14.03 -9.64 -23.40
C LEU A 285 -13.75 -11.06 -22.92
N PHE A 286 -14.55 -11.55 -21.96
CA PHE A 286 -14.35 -12.89 -21.45
C PHE A 286 -14.60 -13.93 -22.54
N ASP A 287 -15.65 -13.74 -23.35
CA ASP A 287 -15.94 -14.69 -24.41
C ASP A 287 -14.94 -14.62 -25.55
N ARG A 288 -14.24 -13.50 -25.69
CA ARG A 288 -13.24 -13.36 -26.75
C ARG A 288 -11.86 -13.87 -26.34
N TYR A 289 -11.49 -13.71 -25.07
CA TYR A 289 -10.17 -14.11 -24.60
C TYR A 289 -10.18 -15.40 -23.80
N PHE A 290 -11.03 -15.49 -22.77
CA PHE A 290 -11.13 -16.69 -21.96
C PHE A 290 -12.43 -17.42 -22.24
N LYS A 291 -12.57 -17.95 -23.47
CA LYS A 291 -13.83 -18.57 -23.86
C LYS A 291 -13.98 -19.95 -23.23
N TYR A 292 -12.90 -20.73 -23.19
CA TYR A 292 -12.94 -22.10 -22.71
C TYR A 292 -12.64 -22.23 -21.21
N TRP A 293 -12.66 -21.12 -20.48
CA TRP A 293 -12.56 -21.16 -19.02
C TRP A 293 -13.90 -21.64 -18.48
N ASP A 294 -13.96 -22.92 -18.08
CA ASP A 294 -15.23 -23.54 -17.75
C ASP A 294 -15.88 -22.94 -16.50
N GLN A 295 -15.11 -22.28 -15.63
CA GLN A 295 -15.69 -21.72 -14.42
C GLN A 295 -16.52 -20.49 -14.76
N THR A 296 -17.68 -20.39 -14.13
CA THR A 296 -18.59 -19.27 -14.38
C THR A 296 -17.98 -17.98 -13.87
N TYR A 297 -17.98 -16.95 -14.73
CA TYR A 297 -17.43 -15.64 -14.41
C TYR A 297 -18.56 -14.65 -14.22
N HIS A 298 -18.52 -13.92 -13.10
CA HIS A 298 -19.56 -12.96 -12.77
C HIS A 298 -18.98 -11.54 -12.89
N PRO A 299 -19.39 -10.75 -13.88
CA PRO A 299 -18.87 -9.37 -13.96
C PRO A 299 -19.15 -8.57 -12.70
N ASN A 300 -20.35 -8.70 -12.15
CA ASN A 300 -20.69 -8.06 -10.88
C ASN A 300 -20.55 -9.08 -9.76
N CYS A 301 -19.70 -8.77 -8.79
CA CYS A 301 -19.43 -9.70 -7.69
C CYS A 301 -20.59 -9.81 -6.71
N VAL A 302 -21.65 -9.00 -6.88
CA VAL A 302 -22.81 -9.14 -6.03
C VAL A 302 -23.48 -10.49 -6.22
N ASN A 303 -23.20 -11.16 -7.33
CA ASN A 303 -23.81 -12.45 -7.67
C ASN A 303 -22.79 -13.59 -7.58
N CYS A 304 -21.91 -13.52 -6.59
CA CYS A 304 -20.87 -14.53 -6.40
C CYS A 304 -21.33 -15.54 -5.35
N LEU A 305 -20.93 -16.80 -5.56
CA LEU A 305 -21.41 -17.88 -4.68
C LEU A 305 -20.68 -17.86 -3.33
N ASP A 306 -19.36 -17.71 -3.35
CA ASP A 306 -18.58 -17.73 -2.12
C ASP A 306 -17.38 -16.81 -2.29
N ASP A 307 -16.58 -16.70 -1.22
CA ASP A 307 -15.44 -15.80 -1.23
C ASP A 307 -14.45 -16.18 -2.33
N ARG A 308 -14.32 -17.48 -2.60
CA ARG A 308 -13.42 -17.92 -3.68
C ARG A 308 -13.95 -17.45 -5.04
N CYS A 309 -15.26 -17.52 -5.23
CA CYS A 309 -15.86 -16.98 -6.46
C CYS A 309 -15.63 -15.49 -6.54
N ILE A 310 -15.73 -14.78 -5.42
CA ILE A 310 -15.44 -13.35 -5.41
C ILE A 310 -14.01 -13.11 -5.86
N LEU A 311 -13.06 -13.89 -5.33
CA LEU A 311 -11.67 -13.71 -5.72
C LEU A 311 -11.48 -13.96 -7.21
N HIS A 312 -12.11 -15.00 -7.74
CA HIS A 312 -11.97 -15.31 -9.16
C HIS A 312 -12.54 -14.19 -10.04
N CYS A 313 -13.78 -13.79 -9.75
CA CYS A 313 -14.42 -12.76 -10.54
C CYS A 313 -13.68 -11.43 -10.44
N ALA A 314 -13.15 -11.11 -9.25
CA ALA A 314 -12.38 -9.88 -9.10
C ALA A 314 -11.04 -9.98 -9.82
N ASN A 315 -10.43 -11.17 -9.87
CA ASN A 315 -9.21 -11.33 -10.63
C ASN A 315 -9.45 -11.02 -12.09
N PHE A 316 -10.58 -11.46 -12.64
CA PHE A 316 -10.89 -11.14 -14.03
C PHE A 316 -11.27 -9.67 -14.19
N ASN A 317 -11.97 -9.10 -13.21
CA ASN A 317 -12.40 -7.71 -13.30
C ASN A 317 -11.22 -6.76 -13.24
N VAL A 318 -10.18 -7.10 -12.48
CA VAL A 318 -8.98 -6.27 -12.44
C VAL A 318 -8.42 -6.10 -13.86
N LEU A 319 -8.40 -7.17 -14.64
CA LEU A 319 -7.88 -7.09 -15.99
C LEU A 319 -8.84 -6.34 -16.90
N PHE A 320 -10.15 -6.62 -16.77
CA PHE A 320 -11.10 -6.03 -17.70
C PHE A 320 -11.30 -4.53 -17.46
N SER A 321 -11.12 -4.06 -16.22
CA SER A 321 -11.40 -2.67 -15.91
C SER A 321 -10.37 -1.71 -16.50
N THR A 322 -9.16 -2.19 -16.81
CA THR A 322 -8.15 -1.32 -17.40
C THR A 322 -8.60 -0.75 -18.74
N VAL A 323 -9.44 -1.50 -19.46
CA VAL A 323 -9.88 -1.06 -20.78
C VAL A 323 -10.85 0.11 -20.66
N PHE A 324 -11.70 0.11 -19.64
CA PHE A 324 -12.80 1.05 -19.55
C PHE A 324 -12.32 2.42 -19.07
N PRO A 325 -13.08 3.47 -19.37
CA PRO A 325 -12.65 4.82 -19.00
C PRO A 325 -12.40 4.91 -17.51
N PRO A 326 -11.57 5.87 -17.08
CA PRO A 326 -11.25 5.99 -15.65
C PRO A 326 -12.26 6.78 -14.82
N THR A 327 -13.22 7.46 -15.44
CA THR A 327 -14.19 8.25 -14.70
C THR A 327 -15.48 7.48 -14.41
N SER A 328 -15.69 6.33 -15.04
CA SER A 328 -16.87 5.52 -14.72
C SER A 328 -16.80 4.98 -13.30
N PHE A 329 -15.60 4.63 -12.84
CA PHE A 329 -15.44 4.05 -11.51
C PHE A 329 -15.56 5.11 -10.43
N GLY A 330 -16.14 4.71 -9.30
CA GLY A 330 -16.33 5.62 -8.19
C GLY A 330 -17.79 5.73 -7.78
N PRO A 331 -18.06 6.54 -6.75
CA PRO A 331 -19.43 6.67 -6.24
C PRO A 331 -20.45 7.03 -7.31
N LEU A 332 -21.44 6.16 -7.51
CA LEU A 332 -22.58 6.49 -8.36
C LEU A 332 -23.57 7.35 -7.56
N VAL A 333 -24.00 8.46 -8.15
CA VAL A 333 -24.81 9.45 -7.45
C VAL A 333 -26.09 9.69 -8.23
N ARG A 334 -27.06 10.28 -7.53
CA ARG A 334 -28.36 10.60 -8.11
C ARG A 334 -28.96 11.77 -7.36
N LYS A 335 -29.80 12.54 -8.06
CA LYS A 335 -30.54 13.63 -7.45
C LYS A 335 -31.84 13.09 -6.87
N ILE A 336 -32.11 13.45 -5.61
CA ILE A 336 -33.31 13.03 -4.91
C ILE A 336 -33.92 14.25 -4.24
N PHE A 337 -35.17 14.11 -3.83
CA PHE A 337 -35.94 15.18 -3.22
C PHE A 337 -36.25 14.80 -1.78
N VAL A 338 -35.71 15.57 -0.83
CA VAL A 338 -35.88 15.33 0.60
C VAL A 338 -36.31 16.63 1.25
N ASP A 339 -37.43 16.58 1.98
CA ASP A 339 -38.00 17.77 2.61
C ASP A 339 -38.26 18.86 1.58
N GLY A 340 -38.68 18.45 0.38
CA GLY A 340 -38.88 19.39 -0.70
C GLY A 340 -37.63 20.13 -1.12
N VAL A 341 -36.47 19.50 -1.01
CA VAL A 341 -35.20 20.12 -1.38
C VAL A 341 -34.37 19.11 -2.15
N PRO A 342 -33.60 19.58 -3.16
CA PRO A 342 -32.84 18.62 -3.97
C PRO A 342 -31.45 18.33 -3.41
N PHE A 343 -31.19 17.05 -3.12
CA PHE A 343 -29.91 16.58 -2.61
C PHE A 343 -29.31 15.58 -3.60
N VAL A 344 -28.05 15.75 -3.94
CA VAL A 344 -27.31 14.75 -4.71
C VAL A 344 -26.69 13.77 -3.73
N VAL A 345 -27.08 12.51 -3.80
CA VAL A 345 -26.70 11.49 -2.83
C VAL A 345 -26.16 10.27 -3.57
N SER A 346 -25.28 9.53 -2.91
CA SER A 346 -24.70 8.33 -3.49
C SER A 346 -25.70 7.18 -3.39
N THR A 347 -25.89 6.48 -4.51
CA THR A 347 -26.80 5.34 -4.57
C THR A 347 -26.11 4.08 -5.08
N GLY A 348 -24.79 4.05 -5.12
CA GLY A 348 -24.08 2.90 -5.61
C GLY A 348 -22.60 3.17 -5.70
N TYR A 349 -21.88 2.19 -6.23
CA TYR A 349 -20.44 2.29 -6.39
C TYR A 349 -19.98 1.34 -7.48
N HIS A 350 -19.09 1.83 -8.34
CA HIS A 350 -18.50 1.03 -9.39
C HIS A 350 -17.05 0.72 -9.01
N PHE A 351 -16.74 -0.56 -8.87
CA PHE A 351 -15.44 -1.03 -8.42
C PHE A 351 -14.68 -1.65 -9.58
N ARG A 352 -13.41 -1.30 -9.71
CA ARG A 352 -12.56 -1.93 -10.70
C ARG A 352 -12.46 -3.43 -10.48
N GLU A 353 -12.71 -3.89 -9.26
CA GLU A 353 -12.62 -5.30 -8.90
C GLU A 353 -13.99 -5.95 -8.74
N LEU A 354 -14.96 -5.25 -8.16
CA LEU A 354 -16.24 -5.84 -7.80
C LEU A 354 -17.39 -5.41 -8.70
N GLY A 355 -17.14 -4.62 -9.74
CA GLY A 355 -18.23 -4.27 -10.63
C GLY A 355 -19.18 -3.25 -10.01
N VAL A 356 -20.42 -3.25 -10.50
CA VAL A 356 -21.42 -2.30 -10.07
C VAL A 356 -22.14 -2.84 -8.85
N VAL A 357 -22.33 -1.98 -7.84
CA VAL A 357 -23.06 -2.33 -6.63
C VAL A 357 -24.07 -1.23 -6.37
N HIS A 358 -25.34 -1.62 -6.18
CA HIS A 358 -26.41 -0.67 -5.92
C HIS A 358 -26.92 -0.85 -4.50
N ASN A 359 -27.23 0.27 -3.85
CA ASN A 359 -27.69 0.24 -2.47
C ASN A 359 -29.12 -0.29 -2.41
N GLN A 360 -29.38 -1.19 -1.46
CA GLN A 360 -30.67 -1.85 -1.36
C GLN A 360 -31.72 -1.01 -0.64
N ASP A 361 -31.30 -0.07 0.20
CA ASP A 361 -32.23 0.77 0.96
C ASP A 361 -32.26 2.20 0.43
N VAL A 362 -32.15 2.34 -0.89
CA VAL A 362 -32.21 3.67 -1.51
C VAL A 362 -33.63 4.21 -1.37
N ASN A 363 -33.75 5.47 -0.95
CA ASN A 363 -35.03 6.13 -0.80
C ASN A 363 -34.95 7.54 -1.36
N LEU A 364 -36.11 8.07 -1.72
CA LEU A 364 -36.19 9.40 -2.30
C LEU A 364 -37.50 10.07 -1.92
N SER A 370 -32.27 12.57 11.04
CA SER A 370 -31.66 11.74 12.07
C SER A 370 -30.14 11.82 12.01
N PHE A 371 -29.49 11.62 13.15
CA PHE A 371 -28.03 11.68 13.20
C PHE A 371 -27.41 10.68 12.23
N LYS A 372 -28.00 9.48 12.12
CA LYS A 372 -27.46 8.47 11.23
C LYS A 372 -27.47 8.93 9.77
N GLU A 373 -28.62 9.40 9.30
CA GLU A 373 -28.72 9.85 7.91
C GLU A 373 -27.83 11.07 7.68
N LEU A 374 -27.75 11.97 8.66
CA LEU A 374 -26.88 13.13 8.51
C LEU A 374 -25.43 12.71 8.37
N LEU A 375 -25.00 11.71 9.15
CA LEU A 375 -23.63 11.22 9.04
C LEU A 375 -23.38 10.56 7.69
N VAL A 376 -24.33 9.73 7.24
CA VAL A 376 -24.16 9.08 5.94
C VAL A 376 -24.10 10.11 4.82
N TYR A 377 -24.85 11.21 4.96
CA TYR A 377 -24.82 12.26 3.94
C TYR A 377 -23.48 13.00 3.97
N ALA A 378 -23.07 13.46 5.15
CA ALA A 378 -21.85 14.27 5.25
C ALA A 378 -20.62 13.46 4.85
N ALA A 379 -20.57 12.19 5.24
CA ALA A 379 -19.43 11.35 4.89
C ALA A 379 -19.33 11.13 3.40
N ASP A 380 -20.46 11.11 2.70
CA ASP A 380 -20.46 10.81 1.28
C ASP A 380 -19.71 11.90 0.52
N PRO A 381 -18.77 11.55 -0.37
CA PRO A 381 -18.10 12.58 -1.17
C PRO A 381 -18.98 13.20 -2.24
N ALA A 382 -20.20 12.70 -2.42
CA ALA A 382 -21.06 13.21 -3.48
C ALA A 382 -21.30 14.71 -3.32
N MET A 383 -21.75 15.14 -2.14
CA MET A 383 -22.06 16.54 -1.92
C MET A 383 -20.84 17.43 -2.11
N HIS A 384 -19.71 17.02 -1.52
CA HIS A 384 -18.51 17.84 -1.59
C HIS A 384 -18.02 17.97 -3.03
N ALA A 385 -17.98 16.85 -3.76
CA ALA A 385 -17.54 16.91 -5.14
C ALA A 385 -18.50 17.72 -6.00
N ALA A 386 -19.79 17.65 -5.70
CA ALA A 386 -20.76 18.42 -6.48
C ALA A 386 -20.61 19.92 -6.24
N SER A 387 -20.36 20.31 -4.98
CA SER A 387 -20.21 21.72 -4.63
C SER A 387 -18.79 22.23 -4.84
N GLY A 388 -17.91 21.41 -5.40
CA GLY A 388 -16.52 21.79 -5.59
C GLY A 388 -16.21 22.14 -7.04
N ASN A 389 -15.29 23.08 -7.21
CA ASN A 389 -14.87 23.49 -8.54
C ASN A 389 -13.97 22.42 -9.17
N LEU A 390 -14.01 22.35 -10.50
CA LEU A 390 -13.16 21.41 -11.22
C LEU A 390 -11.70 21.74 -10.96
N LEU A 391 -10.87 20.69 -10.93
CA LEU A 391 -9.45 20.83 -10.64
C LEU A 391 -8.64 20.00 -11.63
N LEU A 392 -7.59 20.61 -12.17
CA LEU A 392 -6.57 19.92 -12.95
C LEU A 392 -5.23 20.12 -12.26
N ASP A 393 -4.64 19.01 -11.81
CA ASP A 393 -3.39 19.04 -11.04
C ASP A 393 -2.32 18.32 -11.86
N LYS A 394 -1.33 19.08 -12.34
CA LYS A 394 -0.23 18.52 -13.11
C LYS A 394 0.96 18.15 -12.23
N ARG A 395 0.83 18.28 -10.91
CA ARG A 395 1.86 17.82 -9.99
C ARG A 395 1.78 16.33 -9.72
N THR A 396 0.73 15.65 -10.21
CA THR A 396 0.52 14.24 -9.94
C THR A 396 0.02 13.56 -11.20
N THR A 397 0.19 12.24 -11.24
CA THR A 397 -0.37 11.41 -12.30
C THR A 397 -1.71 10.80 -11.91
N CYS A 398 -2.16 11.02 -10.67
CA CYS A 398 -3.43 10.47 -10.21
C CYS A 398 -4.59 11.33 -10.69
N PHE A 399 -5.78 10.72 -10.72
CA PHE A 399 -6.97 11.43 -11.15
C PHE A 399 -7.37 12.47 -10.13
N SER A 400 -7.75 13.64 -10.62
CA SER A 400 -8.21 14.76 -9.79
C SER A 400 -9.72 14.91 -9.95
N VAL A 401 -10.42 15.01 -8.84
CA VAL A 401 -11.88 15.10 -8.85
C VAL A 401 -12.31 16.56 -8.87
N ALA A 402 -12.14 17.25 -7.76
CA ALA A 402 -12.59 18.63 -7.63
C ALA A 402 -11.76 19.33 -6.58
N ALA A 403 -12.01 20.63 -6.43
CA ALA A 403 -11.33 21.48 -5.45
C ALA A 403 -12.40 22.10 -4.55
N LEU A 404 -12.40 21.71 -3.29
CA LEU A 404 -13.37 22.24 -2.32
C LEU A 404 -12.92 23.57 -1.71
N THR A 405 -11.81 24.15 -2.17
CA THR A 405 -11.29 25.40 -1.64
C THR A 405 -11.03 26.36 -2.78
N ASN A 406 -11.23 27.65 -2.51
CA ASN A 406 -10.94 28.68 -3.50
C ASN A 406 -9.44 28.77 -3.79
N ASN A 407 -8.60 28.49 -2.79
CA ASN A 407 -7.16 28.55 -2.93
C ASN A 407 -6.54 27.23 -2.52
N VAL A 408 -5.46 26.86 -3.21
CA VAL A 408 -4.75 25.63 -2.88
C VAL A 408 -3.97 25.83 -1.58
N ALA A 409 -3.79 24.74 -0.85
CA ALA A 409 -3.13 24.76 0.46
C ALA A 409 -1.82 23.99 0.39
N PHE A 410 -0.76 24.57 0.92
CA PHE A 410 0.54 23.94 1.04
C PHE A 410 0.94 23.90 2.51
N GLN A 411 1.11 22.70 3.05
CA GLN A 411 1.48 22.50 4.44
C GLN A 411 2.94 22.10 4.54
N THR A 412 3.62 22.61 5.57
CA THR A 412 5.04 22.40 5.76
C THR A 412 5.29 21.66 7.07
N VAL A 413 6.44 20.99 7.12
CA VAL A 413 6.89 20.30 8.33
C VAL A 413 7.92 21.19 9.02
N LYS A 414 7.63 21.56 10.26
CA LYS A 414 8.50 22.46 10.99
C LYS A 414 9.78 21.76 11.43
N PRO A 415 10.84 22.52 11.72
CA PRO A 415 12.07 21.89 12.22
C PRO A 415 11.91 21.41 13.64
N GLY A 416 12.59 20.31 13.96
CA GLY A 416 12.54 19.78 15.31
C GLY A 416 13.31 20.65 16.28
N ASN A 417 12.83 20.68 17.52
CA ASN A 417 13.47 21.46 18.56
C ASN A 417 14.74 20.77 19.07
N PHE A 418 15.65 21.57 19.59
CA PHE A 418 16.92 21.09 20.11
C PHE A 418 16.96 21.26 21.62
N ASN A 419 17.35 20.20 22.32
CA ASN A 419 17.50 20.21 23.77
C ASN A 419 18.97 20.49 24.08
N LYS A 420 19.27 21.74 24.43
CA LYS A 420 20.66 22.14 24.62
C LYS A 420 21.26 21.48 25.86
N ASP A 421 20.47 21.37 26.93
CA ASP A 421 21.01 20.84 28.18
C ASP A 421 21.53 19.42 28.01
N PHE A 422 20.73 18.55 27.40
CA PHE A 422 21.12 17.15 27.27
C PHE A 422 22.33 17.00 26.35
N TYR A 423 22.36 17.75 25.25
CA TYR A 423 23.50 17.66 24.33
C TYR A 423 24.77 18.16 24.98
N ASP A 424 24.70 19.28 25.71
CA ASP A 424 25.87 19.77 26.42
C ASP A 424 26.32 18.77 27.48
N PHE A 425 25.36 18.12 28.16
CA PHE A 425 25.71 17.10 29.13
C PHE A 425 26.44 15.93 28.46
N ALA A 426 25.97 15.51 27.29
CA ALA A 426 26.62 14.41 26.59
C ALA A 426 28.02 14.80 26.15
N VAL A 427 28.19 16.01 25.62
CA VAL A 427 29.51 16.46 25.20
C VAL A 427 30.45 16.51 26.40
N SER A 428 29.98 17.05 27.52
CA SER A 428 30.81 17.12 28.71
C SER A 428 31.18 15.75 29.23
N LYS A 429 30.28 14.77 29.10
CA LYS A 429 30.54 13.41 29.56
C LYS A 429 31.23 12.55 28.53
N GLY A 430 31.62 13.11 27.37
CA GLY A 430 32.49 12.43 26.45
C GLY A 430 31.83 11.80 25.23
N PHE A 431 30.56 12.10 24.97
CA PHE A 431 29.90 11.55 23.79
C PHE A 431 30.03 12.51 22.61
N PHE A 432 29.77 11.98 21.42
CA PHE A 432 29.84 12.75 20.18
C PHE A 432 31.25 13.30 19.94
N LYS A 433 32.26 12.47 20.18
CA LYS A 433 33.63 12.85 19.89
C LYS A 433 33.94 12.57 18.42
N GLU A 434 35.17 12.87 18.02
CA GLU A 434 35.61 12.66 16.64
C GLU A 434 35.98 11.19 16.45
N GLY A 435 35.32 10.53 15.51
CA GLY A 435 35.59 9.14 15.22
C GLY A 435 34.85 8.13 16.07
N SER A 436 34.01 8.59 17.01
CA SER A 436 33.27 7.68 17.85
C SER A 436 32.24 6.92 17.03
N SER A 437 31.99 5.67 17.43
CA SER A 437 31.04 4.83 16.70
C SER A 437 29.62 5.35 16.82
N VAL A 438 29.24 5.79 18.02
CA VAL A 438 27.88 6.28 18.25
C VAL A 438 27.81 7.73 17.78
N GLU A 439 26.95 7.99 16.78
CA GLU A 439 26.81 9.31 16.21
C GLU A 439 25.33 9.60 15.96
N LEU A 440 25.00 10.89 15.88
CA LEU A 440 23.63 11.34 15.67
C LEU A 440 23.27 11.15 14.21
N LYS A 441 22.42 10.16 13.91
CA LYS A 441 21.95 9.90 12.56
C LYS A 441 20.45 9.99 12.44
N HIS A 442 19.75 10.46 13.48
CA HIS A 442 18.30 10.57 13.48
C HIS A 442 17.92 11.99 13.87
N PHE A 443 17.14 12.66 13.01
CA PHE A 443 16.72 14.04 13.25
C PHE A 443 15.30 14.22 12.76
N PHE A 444 14.75 15.40 13.06
CA PHE A 444 13.50 15.86 12.48
C PHE A 444 13.84 16.59 11.17
N PHE A 445 13.34 16.09 10.05
CA PHE A 445 13.62 16.65 8.75
C PHE A 445 12.45 17.52 8.30
N ALA A 446 12.71 18.82 8.16
CA ALA A 446 11.69 19.73 7.69
C ALA A 446 11.40 19.49 6.21
N GLN A 447 10.21 19.90 5.79
CA GLN A 447 9.76 19.68 4.42
C GLN A 447 9.11 20.95 3.88
N ASP A 448 9.13 21.08 2.56
CA ASP A 448 8.58 22.25 1.90
C ASP A 448 7.07 22.10 1.72
N GLY A 449 6.46 23.09 1.07
CA GLY A 449 5.02 23.08 0.89
C GLY A 449 4.52 22.04 -0.08
N ASN A 450 5.39 21.53 -0.95
CA ASN A 450 5.02 20.50 -1.92
C ASN A 450 5.26 19.09 -1.39
N ALA A 451 5.51 18.93 -0.09
CA ALA A 451 5.82 17.62 0.46
C ALA A 451 4.60 16.71 0.42
N ALA A 452 3.50 17.13 1.05
CA ALA A 452 2.34 16.25 1.19
C ALA A 452 1.93 15.64 -0.14
N ILE A 453 1.61 16.49 -1.11
CA ILE A 453 1.15 16.00 -2.40
C ILE A 453 2.19 15.05 -3.00
N SER A 454 3.48 15.38 -2.86
CA SER A 454 4.51 14.53 -3.41
C SER A 454 4.42 13.12 -2.84
N ASP A 455 4.19 13.01 -1.53
CA ASP A 455 4.00 11.69 -0.94
C ASP A 455 2.84 10.97 -1.59
N TYR A 456 1.72 11.68 -1.80
CA TYR A 456 0.59 11.06 -2.48
C TYR A 456 0.98 10.56 -3.86
N ASP A 457 1.88 11.28 -4.54
CA ASP A 457 2.28 10.87 -5.88
C ASP A 457 2.94 9.50 -5.88
N TYR A 458 3.44 9.03 -4.73
CA TYR A 458 4.03 7.71 -4.69
C TYR A 458 3.01 6.62 -4.97
N TYR A 459 1.72 6.91 -4.80
CA TYR A 459 0.69 5.95 -5.21
C TYR A 459 0.75 5.65 -6.70
N ARG A 460 1.59 6.36 -7.46
CA ARG A 460 1.84 6.00 -8.84
C ARG A 460 2.44 4.61 -8.98
N TYR A 461 2.98 4.06 -7.90
CA TYR A 461 3.61 2.74 -7.94
C TYR A 461 2.61 1.61 -7.73
N ASN A 462 1.34 1.92 -7.46
CA ASN A 462 0.29 0.91 -7.44
C ASN A 462 -0.20 0.68 -8.86
N LEU A 463 0.03 -0.52 -9.38
CA LEU A 463 -0.34 -0.84 -10.75
C LEU A 463 -1.43 -1.90 -10.78
N PRO A 464 -2.28 -1.92 -11.80
CA PRO A 464 -3.24 -3.01 -11.93
C PRO A 464 -2.52 -4.35 -12.06
N THR A 465 -2.82 -5.27 -11.15
CA THR A 465 -2.11 -6.54 -11.07
C THR A 465 -3.12 -7.69 -11.07
N MET A 466 -3.04 -8.52 -12.10
CA MET A 466 -3.78 -9.77 -12.14
C MET A 466 -2.93 -10.87 -11.50
N CYS A 467 -3.59 -11.77 -10.79
CA CYS A 467 -2.92 -12.82 -10.04
C CYS A 467 -3.18 -14.18 -10.65
N ASP A 468 -2.26 -15.11 -10.39
CA ASP A 468 -2.47 -16.51 -10.72
C ASP A 468 -3.57 -17.02 -9.81
N ILE A 469 -4.79 -17.15 -10.36
CA ILE A 469 -5.96 -17.34 -9.52
C ILE A 469 -5.91 -18.68 -8.79
N ARG A 470 -5.45 -19.73 -9.47
CA ARG A 470 -5.34 -21.03 -8.80
C ARG A 470 -4.32 -20.98 -7.68
N GLN A 471 -3.16 -20.37 -7.95
CA GLN A 471 -2.15 -20.18 -6.91
C GLN A 471 -2.70 -19.37 -5.75
N LEU A 472 -3.40 -18.27 -6.05
CA LEU A 472 -3.94 -17.44 -4.99
C LEU A 472 -4.99 -18.19 -4.18
N LEU A 473 -5.79 -19.04 -4.82
CA LEU A 473 -6.82 -19.78 -4.08
C LEU A 473 -6.18 -20.80 -3.15
N PHE A 474 -5.21 -21.56 -3.65
CA PHE A 474 -4.51 -22.50 -2.77
C PHE A 474 -3.79 -21.77 -1.65
N VAL A 475 -3.23 -20.59 -1.96
CA VAL A 475 -2.47 -19.85 -0.96
C VAL A 475 -3.39 -19.29 0.11
N VAL A 476 -4.58 -18.83 -0.26
CA VAL A 476 -5.52 -18.33 0.75
C VAL A 476 -6.04 -19.49 1.59
N GLU A 477 -6.24 -20.67 0.98
CA GLU A 477 -6.62 -21.83 1.76
C GLU A 477 -5.54 -22.19 2.79
N VAL A 478 -4.27 -22.14 2.38
CA VAL A 478 -3.18 -22.43 3.30
C VAL A 478 -3.08 -21.36 4.37
N VAL A 479 -3.28 -20.09 3.98
CA VAL A 479 -3.12 -18.98 4.93
C VAL A 479 -4.23 -19.00 5.97
N ASP A 480 -5.42 -19.46 5.60
CA ASP A 480 -6.50 -19.55 6.58
C ASP A 480 -6.12 -20.45 7.75
N LYS A 481 -5.24 -21.43 7.51
CA LYS A 481 -4.79 -22.29 8.59
C LYS A 481 -4.03 -21.52 9.66
N TYR A 482 -3.30 -20.47 9.25
CA TYR A 482 -2.56 -19.66 10.20
C TYR A 482 -3.47 -18.82 11.09
N PHE A 483 -4.78 -18.81 10.85
CA PHE A 483 -5.72 -18.01 11.62
C PHE A 483 -6.87 -18.85 12.16
N ASP A 484 -6.66 -20.15 12.35
CA ASP A 484 -7.72 -21.01 12.85
C ASP A 484 -7.89 -20.87 14.36
N CYS A 485 -6.79 -20.71 15.09
CA CYS A 485 -6.87 -20.65 16.55
C CYS A 485 -7.72 -19.47 17.02
N TYR A 486 -7.65 -18.35 16.31
CA TYR A 486 -8.35 -17.15 16.75
C TYR A 486 -9.84 -17.30 16.54
N ASP A 487 -10.60 -16.48 17.27
CA ASP A 487 -12.05 -16.44 17.17
C ASP A 487 -12.48 -15.04 16.74
N GLY A 488 -13.44 -14.98 15.79
CA GLY A 488 -13.91 -13.71 15.29
C GLY A 488 -15.41 -13.71 15.11
N GLY A 489 -15.95 -12.52 14.92
CA GLY A 489 -17.37 -12.35 14.74
C GLY A 489 -17.78 -10.90 14.95
N CYS A 490 -19.07 -10.67 14.83
CA CYS A 490 -19.64 -9.34 14.97
C CYS A 490 -20.03 -9.09 16.42
N ILE A 491 -19.80 -7.86 16.89
CA ILE A 491 -20.14 -7.45 18.24
C ILE A 491 -21.04 -6.22 18.15
N ASN A 492 -21.64 -5.88 19.29
CA ASN A 492 -22.53 -4.73 19.37
C ASN A 492 -21.74 -3.49 19.80
N ALA A 493 -22.44 -2.35 19.87
CA ALA A 493 -21.78 -1.09 20.21
C ALA A 493 -21.28 -1.11 21.64
N ASN A 494 -22.04 -1.72 22.55
CA ASN A 494 -21.64 -1.74 23.96
C ASN A 494 -20.35 -2.53 24.19
N GLN A 495 -19.96 -3.38 23.24
CA GLN A 495 -18.78 -4.23 23.40
C GLN A 495 -17.57 -3.68 22.65
N VAL A 496 -17.64 -2.46 22.15
CA VAL A 496 -16.54 -1.87 21.39
C VAL A 496 -15.66 -1.06 22.32
N ILE A 497 -14.34 -1.20 22.15
CA ILE A 497 -13.35 -0.50 22.96
C ILE A 497 -12.62 0.49 22.07
N VAL A 498 -12.57 1.75 22.50
CA VAL A 498 -11.85 2.80 21.80
C VAL A 498 -10.75 3.32 22.73
N ASN A 499 -9.50 3.21 22.28
CA ASN A 499 -8.39 3.57 23.15
C ASN A 499 -8.36 5.07 23.42
N ASN A 500 -8.45 5.88 22.37
CA ASN A 500 -8.39 7.34 22.50
C ASN A 500 -9.59 7.93 21.76
N LEU A 501 -10.39 8.72 22.48
CA LEU A 501 -11.57 9.36 21.92
C LEU A 501 -11.32 10.82 21.55
N ASP A 502 -10.12 11.34 21.79
CA ASP A 502 -9.76 12.71 21.45
C ASP A 502 -8.97 12.80 20.15
N LYS A 503 -9.14 11.83 19.26
CA LYS A 503 -8.45 11.82 17.98
C LYS A 503 -9.32 12.53 16.93
N SER A 504 -8.84 12.54 15.70
CA SER A 504 -9.54 13.22 14.62
C SER A 504 -10.63 12.33 14.03
N ALA A 505 -11.76 12.93 13.71
CA ALA A 505 -12.89 12.22 13.11
C ALA A 505 -12.84 12.19 11.60
N GLY A 506 -11.85 12.83 10.98
CA GLY A 506 -11.76 12.88 9.53
C GLY A 506 -12.52 14.04 8.94
N PHE A 507 -12.61 14.03 7.62
CA PHE A 507 -13.31 15.08 6.89
C PHE A 507 -14.70 14.61 6.48
N PRO A 508 -15.75 15.45 6.60
CA PRO A 508 -15.77 16.81 7.13
C PRO A 508 -15.99 16.86 8.63
N PHE A 509 -15.88 15.70 9.28
CA PHE A 509 -16.21 15.61 10.70
C PHE A 509 -15.20 16.35 11.57
N ASN A 510 -13.97 16.51 11.10
CA ASN A 510 -12.96 17.23 11.89
C ASN A 510 -13.36 18.68 12.10
N LYS A 511 -14.21 19.23 11.23
CA LYS A 511 -14.56 20.64 11.32
C LYS A 511 -15.34 20.95 12.59
N TRP A 512 -16.12 19.99 13.10
CA TRP A 512 -17.04 20.26 14.20
C TRP A 512 -16.59 19.70 15.54
N GLY A 513 -15.79 18.64 15.56
CA GLY A 513 -15.31 18.10 16.81
C GLY A 513 -14.47 16.86 16.59
N LYS A 514 -14.07 16.26 17.71
CA LYS A 514 -13.26 15.06 17.70
C LYS A 514 -14.15 13.82 17.70
N ALA A 515 -13.53 12.65 17.67
CA ALA A 515 -14.29 11.41 17.65
C ALA A 515 -15.17 11.26 18.88
N ARG A 516 -14.75 11.84 20.02
CA ARG A 516 -15.58 11.78 21.22
C ARG A 516 -16.95 12.41 20.97
N LEU A 517 -16.98 13.50 20.21
CA LEU A 517 -18.25 14.17 19.94
C LEU A 517 -19.24 13.21 19.28
N TYR A 518 -18.80 12.50 18.25
CA TYR A 518 -19.71 11.65 17.50
C TYR A 518 -20.01 10.36 18.25
N TYR A 519 -19.04 9.86 19.02
CA TYR A 519 -19.30 8.67 19.83
C TYR A 519 -20.30 8.97 20.94
N ASP A 520 -20.30 10.19 21.46
CA ASP A 520 -21.25 10.58 22.49
C ASP A 520 -22.62 10.91 21.91
N SER A 521 -22.64 11.58 20.76
CA SER A 521 -23.91 11.99 20.16
C SER A 521 -24.75 10.78 19.76
N MET A 522 -24.12 9.80 19.12
CA MET A 522 -24.83 8.61 18.68
C MET A 522 -24.99 7.62 19.83
N SER A 523 -26.22 7.20 20.08
CA SER A 523 -26.46 6.16 21.06
C SER A 523 -26.04 4.81 20.50
N TYR A 524 -26.04 3.79 21.37
CA TYR A 524 -25.64 2.46 20.93
C TYR A 524 -26.60 1.93 19.86
N GLU A 525 -27.89 2.23 20.00
CA GLU A 525 -28.85 1.81 18.99
C GLU A 525 -28.57 2.49 17.66
N ASP A 526 -28.16 3.76 17.69
CA ASP A 526 -27.84 4.46 16.44
C ASP A 526 -26.63 3.85 15.76
N GLN A 527 -25.59 3.50 16.54
CA GLN A 527 -24.41 2.88 15.97
C GLN A 527 -24.74 1.51 15.41
N ASP A 528 -25.58 0.74 16.09
CA ASP A 528 -26.00 -0.55 15.56
C ASP A 528 -26.79 -0.38 14.28
N ALA A 529 -27.62 0.65 14.21
CA ALA A 529 -28.38 0.93 12.98
C ALA A 529 -27.44 1.28 11.84
N LEU A 530 -26.41 2.09 12.13
CA LEU A 530 -25.43 2.42 11.10
C LEU A 530 -24.71 1.16 10.61
N PHE A 531 -24.36 0.27 11.54
CA PHE A 531 -23.69 -0.98 11.15
C PHE A 531 -24.59 -1.83 10.28
N ALA A 532 -25.86 -1.97 10.65
CA ALA A 532 -26.79 -2.75 9.84
C ALA A 532 -26.98 -2.11 8.47
N TYR A 533 -27.02 -0.78 8.41
CA TYR A 533 -27.09 -0.09 7.13
C TYR A 533 -25.86 -0.42 6.28
N THR A 534 -24.67 -0.40 6.89
CA THR A 534 -23.47 -0.78 6.15
C THR A 534 -23.48 -2.24 5.72
N LYS A 535 -24.27 -3.09 6.38
CA LYS A 535 -24.40 -4.46 5.89
C LYS A 535 -25.35 -4.60 4.72
N ARG A 536 -26.05 -3.53 4.33
CA ARG A 536 -26.95 -3.55 3.19
C ARG A 536 -26.62 -2.53 2.12
N ASN A 537 -25.80 -1.53 2.42
CA ASN A 537 -25.52 -0.44 1.50
C ASN A 537 -24.06 -0.04 1.62
N VAL A 538 -23.53 0.54 0.54
CA VAL A 538 -22.14 0.97 0.47
C VAL A 538 -22.08 2.45 0.79
N ILE A 539 -21.24 2.82 1.75
CA ILE A 539 -21.03 4.21 2.15
C ILE A 539 -19.64 4.63 1.69
N PRO A 540 -19.51 5.41 0.62
CA PRO A 540 -18.20 5.96 0.27
C PRO A 540 -17.82 7.09 1.21
N THR A 541 -16.52 7.18 1.49
CA THR A 541 -16.01 8.11 2.48
C THR A 541 -14.78 8.82 1.93
N ILE A 542 -14.34 9.83 2.67
CA ILE A 542 -13.16 10.62 2.32
C ILE A 542 -12.14 10.46 3.45
N THR A 543 -10.88 10.26 3.08
CA THR A 543 -9.78 10.12 4.03
C THR A 543 -8.79 11.25 3.81
N GLN A 544 -8.47 11.97 4.88
CA GLN A 544 -7.53 13.07 4.80
C GLN A 544 -6.10 12.55 4.86
N MET A 545 -5.20 13.20 4.12
CA MET A 545 -3.78 12.87 4.16
C MET A 545 -3.06 13.90 5.03
N ASN A 546 -2.40 13.42 6.08
CA ASN A 546 -1.73 14.29 7.04
C ASN A 546 -0.27 13.91 7.15
N LEU A 547 0.60 14.90 7.06
CA LEU A 547 2.04 14.68 7.25
C LEU A 547 2.32 14.46 8.73
N LYS A 548 3.24 13.55 9.02
CA LYS A 548 3.54 13.15 10.39
C LYS A 548 4.81 13.83 10.90
N TYR A 549 4.77 14.25 12.16
CA TYR A 549 5.94 14.82 12.85
C TYR A 549 6.62 13.70 13.63
N ALA A 550 7.77 13.24 13.13
CA ALA A 550 8.45 12.11 13.75
C ALA A 550 9.93 12.16 13.44
N ILE A 551 10.71 11.45 14.25
CA ILE A 551 12.14 11.32 14.04
C ILE A 551 12.39 10.24 13.00
N SER A 552 13.46 10.39 12.24
CA SER A 552 13.82 9.41 11.23
C SER A 552 15.25 9.67 10.77
N ALA A 553 15.80 8.70 10.06
CA ALA A 553 17.13 8.80 9.46
C ALA A 553 17.08 8.98 7.95
N LYS A 554 15.90 9.32 7.42
CA LYS A 554 15.72 9.54 5.99
C LYS A 554 15.04 10.89 5.78
N ASN A 555 15.45 11.59 4.73
CA ASN A 555 14.88 12.89 4.42
C ASN A 555 13.44 12.79 3.92
N ARG A 556 13.00 11.61 3.52
CA ARG A 556 11.64 11.44 3.01
C ARG A 556 10.62 11.71 4.11
N ALA A 557 9.52 12.34 3.73
CA ALA A 557 8.43 12.62 4.66
C ALA A 557 7.48 11.42 4.74
N ARG A 558 6.69 11.40 5.80
CA ARG A 558 5.72 10.34 6.03
C ARG A 558 4.31 10.94 6.08
N THR A 559 3.38 10.30 5.38
CA THR A 559 1.98 10.71 5.36
C THR A 559 1.12 9.56 5.87
N VAL A 560 0.06 9.92 6.61
CA VAL A 560 -0.89 8.95 7.12
C VAL A 560 -2.29 9.36 6.68
N ALA A 561 -3.18 8.36 6.62
CA ALA A 561 -4.53 8.56 6.14
C ALA A 561 -5.49 8.52 7.33
N GLY A 562 -6.05 9.68 7.67
CA GLY A 562 -7.10 9.77 8.66
C GLY A 562 -8.45 9.53 8.02
N VAL A 563 -9.02 8.35 8.29
CA VAL A 563 -10.31 7.99 7.72
C VAL A 563 -11.44 8.60 8.54
N SER A 564 -12.63 8.64 7.94
CA SER A 564 -13.77 9.26 8.57
C SER A 564 -14.25 8.43 9.77
N ILE A 565 -15.14 9.04 10.56
CA ILE A 565 -15.58 8.42 11.80
C ILE A 565 -16.44 7.19 11.52
N CYS A 566 -17.29 7.26 10.50
CA CYS A 566 -18.20 6.15 10.23
C CYS A 566 -17.44 4.88 9.86
N SER A 567 -16.40 5.01 9.04
CA SER A 567 -15.62 3.85 8.64
C SER A 567 -14.98 3.19 9.86
N THR A 568 -14.36 3.98 10.73
CA THR A 568 -13.76 3.41 11.92
C THR A 568 -14.81 2.73 12.79
N MET A 569 -15.95 3.40 13.02
CA MET A 569 -16.98 2.82 13.87
C MET A 569 -17.44 1.46 13.34
N THR A 570 -17.79 1.40 12.06
CA THR A 570 -18.37 0.17 11.53
C THR A 570 -17.32 -0.92 11.35
N ASN A 571 -16.13 -0.58 10.85
CA ASN A 571 -15.08 -1.58 10.74
C ASN A 571 -14.68 -2.10 12.12
N ARG A 572 -14.75 -1.25 13.16
CA ARG A 572 -14.52 -1.73 14.51
C ARG A 572 -15.58 -2.75 14.91
N GLN A 573 -16.86 -2.35 14.84
CA GLN A 573 -17.92 -3.29 15.17
C GLN A 573 -17.78 -4.59 14.37
N PHE A 574 -17.18 -4.53 13.19
CA PHE A 574 -17.05 -5.73 12.36
C PHE A 574 -15.89 -6.61 12.80
N HIS A 575 -14.73 -6.02 13.07
CA HIS A 575 -13.49 -6.79 13.17
C HIS A 575 -12.84 -6.81 14.55
N GLN A 576 -13.32 -6.02 15.51
CA GLN A 576 -12.57 -5.85 16.75
C GLN A 576 -12.44 -7.15 17.52
N LYS A 577 -13.44 -8.04 17.46
CA LYS A 577 -13.35 -9.28 18.22
C LYS A 577 -12.16 -10.12 17.75
N LEU A 578 -12.07 -10.34 16.44
CA LEU A 578 -10.93 -11.09 15.91
C LEU A 578 -9.63 -10.34 16.15
N LEU A 579 -9.64 -9.02 16.03
CA LEU A 579 -8.40 -8.26 16.19
C LEU A 579 -7.88 -8.37 17.62
N LYS A 580 -8.77 -8.36 18.61
CA LYS A 580 -8.36 -8.55 19.99
C LYS A 580 -7.99 -10.00 20.27
N SER A 581 -8.64 -10.95 19.59
CA SER A 581 -8.25 -12.35 19.73
C SER A 581 -6.82 -12.57 19.28
N ILE A 582 -6.43 -11.96 18.16
CA ILE A 582 -5.06 -12.11 17.67
C ILE A 582 -4.08 -11.43 18.64
N ALA A 583 -4.48 -10.31 19.23
CA ALA A 583 -3.59 -9.57 20.12
C ALA A 583 -3.42 -10.23 21.48
N ALA A 584 -4.23 -11.24 21.81
CA ALA A 584 -4.17 -11.90 23.11
C ALA A 584 -3.61 -13.31 23.03
N THR A 585 -3.18 -13.76 21.85
CA THR A 585 -2.66 -15.11 21.67
C THR A 585 -1.13 -15.08 21.66
N ARG A 586 -0.53 -16.00 22.40
CA ARG A 586 0.92 -16.15 22.47
C ARG A 586 1.35 -17.47 21.85
N GLY A 587 2.49 -17.46 21.18
CA GLY A 587 3.02 -18.65 20.56
C GLY A 587 2.58 -18.88 19.12
N ALA A 588 1.95 -17.89 18.49
CA ALA A 588 1.47 -18.02 17.13
C ALA A 588 2.44 -17.36 16.15
N THR A 589 2.18 -17.57 14.86
CA THR A 589 3.02 -16.95 13.84
C THR A 589 2.92 -15.43 13.90
N VAL A 590 1.72 -14.90 14.09
CA VAL A 590 1.51 -13.47 14.22
C VAL A 590 1.75 -13.07 15.67
N VAL A 591 2.68 -12.14 15.89
CA VAL A 591 3.12 -11.80 17.24
C VAL A 591 2.72 -10.38 17.60
N ILE A 592 1.50 -10.00 17.23
CA ILE A 592 0.94 -8.73 17.69
C ILE A 592 0.43 -8.91 19.12
N GLY A 593 0.76 -7.96 19.98
CA GLY A 593 0.41 -8.05 21.38
C GLY A 593 1.43 -8.73 22.26
N THR A 594 2.43 -9.40 21.67
CA THR A 594 3.49 -10.05 22.43
C THR A 594 4.58 -9.02 22.71
N SER A 595 4.67 -8.61 23.97
CA SER A 595 5.66 -7.61 24.35
C SER A 595 7.07 -8.20 24.26
N LYS A 596 8.05 -7.30 24.18
CA LYS A 596 9.46 -7.70 24.20
C LYS A 596 10.04 -7.69 25.60
N PHE A 597 9.34 -7.12 26.57
CA PHE A 597 9.82 -7.05 27.94
C PHE A 597 9.48 -8.33 28.70
N TYR A 598 10.06 -8.45 29.90
CA TYR A 598 9.78 -9.57 30.80
C TYR A 598 9.95 -10.92 30.08
N GLY A 599 11.01 -11.04 29.29
CA GLY A 599 11.32 -12.28 28.62
C GLY A 599 10.53 -12.56 27.37
N GLY A 600 9.68 -11.62 26.92
CA GLY A 600 8.90 -11.86 25.73
C GLY A 600 9.76 -12.12 24.51
N TRP A 601 10.86 -11.37 24.36
CA TRP A 601 11.75 -11.56 23.23
C TRP A 601 12.30 -12.98 23.19
N HIS A 602 12.78 -13.47 24.34
CA HIS A 602 13.34 -14.81 24.39
C HIS A 602 12.27 -15.86 24.08
N ASN A 603 11.08 -15.69 24.63
CA ASN A 603 10.01 -16.65 24.37
C ASN A 603 9.65 -16.68 22.89
N MET A 604 9.51 -15.52 22.26
CA MET A 604 9.20 -15.47 20.84
C MET A 604 10.29 -16.15 20.03
N LEU A 605 11.55 -15.81 20.31
CA LEU A 605 12.65 -16.38 19.53
C LEU A 605 12.73 -17.88 19.70
N LYS A 606 12.46 -18.39 20.91
CA LYS A 606 12.42 -19.83 21.11
C LYS A 606 11.25 -20.46 20.36
N THR A 607 10.14 -19.75 20.28
CA THR A 607 9.00 -20.24 19.51
C THR A 607 9.36 -20.38 18.03
N VAL A 608 10.12 -19.42 17.49
CA VAL A 608 10.44 -19.45 16.08
C VAL A 608 11.44 -20.55 15.75
N TYR A 609 12.38 -20.83 16.66
CA TYR A 609 13.39 -21.84 16.42
C TYR A 609 12.86 -23.27 16.55
N SER A 610 11.56 -23.43 16.82
CA SER A 610 11.03 -24.73 17.20
C SER A 610 11.27 -25.78 16.12
N ASP A 611 12.09 -26.77 16.45
CA ASP A 611 12.20 -28.02 15.70
C ASP A 611 12.44 -27.78 14.21
N VAL A 612 13.54 -27.10 13.90
CA VAL A 612 14.05 -27.00 12.54
C VAL A 612 15.34 -27.82 12.46
N GLU A 613 15.41 -28.74 11.50
CA GLU A 613 16.51 -29.70 11.46
C GLU A 613 17.85 -29.00 11.28
N ASN A 614 17.97 -28.17 10.25
CA ASN A 614 19.19 -27.42 9.96
C ASN A 614 18.85 -25.94 10.00
N PRO A 615 18.68 -25.37 11.18
CA PRO A 615 18.09 -24.03 11.29
C PRO A 615 19.01 -22.96 10.73
N HIS A 616 18.47 -22.16 9.81
CA HIS A 616 19.05 -20.89 9.40
C HIS A 616 17.98 -19.83 9.58
N LEU A 617 18.38 -18.56 9.58
CA LEU A 617 17.46 -17.47 9.85
C LEU A 617 17.45 -16.50 8.68
N MET A 618 16.30 -15.88 8.49
CA MET A 618 16.08 -15.09 7.27
C MET A 618 15.12 -13.95 7.60
N GLY A 619 15.32 -12.84 6.90
CA GLY A 619 14.46 -11.67 7.04
C GLY A 619 14.57 -10.81 5.80
N TRP A 620 13.54 -10.00 5.59
CA TRP A 620 13.38 -9.27 4.34
C TRP A 620 12.59 -8.00 4.59
N ASP A 621 12.50 -7.17 3.55
CA ASP A 621 11.76 -5.92 3.59
C ASP A 621 10.86 -5.84 2.36
N TYR A 622 9.68 -5.25 2.53
CA TYR A 622 8.74 -5.06 1.42
C TYR A 622 8.93 -3.66 0.87
N PRO A 623 9.55 -3.49 -0.30
CA PRO A 623 9.74 -2.14 -0.84
C PRO A 623 8.40 -1.49 -1.15
N LYS A 624 8.14 -0.35 -0.52
CA LYS A 624 6.92 0.42 -0.74
C LYS A 624 5.70 -0.49 -0.57
N CYS A 625 5.62 -1.13 0.59
CA CYS A 625 4.59 -2.12 0.83
C CYS A 625 3.18 -1.53 0.68
N ASP A 626 2.90 -0.46 1.43
CA ASP A 626 1.55 0.08 1.44
C ASP A 626 1.16 0.63 0.07
N ARG A 627 2.06 1.36 -0.57
CA ARG A 627 1.72 1.99 -1.85
C ARG A 627 1.64 0.96 -2.98
N ALA A 628 2.55 -0.01 -2.99
CA ALA A 628 2.67 -0.94 -4.10
C ALA A 628 1.90 -2.24 -3.90
N MET A 629 1.22 -2.40 -2.76
CA MET A 629 0.49 -3.64 -2.52
C MET A 629 -0.64 -3.77 -3.55
N PRO A 630 -0.75 -4.91 -4.24
CA PRO A 630 -1.86 -5.08 -5.18
C PRO A 630 -3.21 -5.01 -4.46
N ASN A 631 -4.24 -4.64 -5.21
CA ASN A 631 -5.58 -4.59 -4.65
C ASN A 631 -6.15 -6.00 -4.44
N MET A 632 -5.75 -6.95 -5.28
CA MET A 632 -6.24 -8.32 -5.11
C MET A 632 -5.81 -8.89 -3.77
N LEU A 633 -4.58 -8.64 -3.36
CA LEU A 633 -4.10 -9.17 -2.08
C LEU A 633 -4.77 -8.48 -0.91
N ARG A 634 -5.10 -7.19 -1.04
CA ARG A 634 -5.86 -6.52 0.01
C ARG A 634 -7.27 -7.11 0.13
N ILE A 635 -7.90 -7.38 -1.01
CA ILE A 635 -9.22 -8.02 -0.98
C ILE A 635 -9.11 -9.41 -0.34
N MET A 636 -8.04 -10.14 -0.66
CA MET A 636 -7.86 -11.46 -0.08
C MET A 636 -7.66 -11.37 1.43
N ALA A 637 -6.90 -10.37 1.89
CA ALA A 637 -6.72 -10.19 3.33
C ALA A 637 -8.04 -9.88 4.01
N SER A 638 -8.83 -8.99 3.40
CA SER A 638 -10.14 -8.68 3.98
C SER A 638 -11.03 -9.92 4.02
N LEU A 639 -10.97 -10.76 3.00
CA LEU A 639 -11.78 -11.97 2.99
C LEU A 639 -11.32 -12.96 4.05
N VAL A 640 -10.01 -13.09 4.23
CA VAL A 640 -9.50 -13.98 5.27
C VAL A 640 -9.90 -13.47 6.64
N LEU A 641 -9.92 -12.15 6.83
CA LEU A 641 -10.34 -11.59 8.11
C LEU A 641 -11.84 -11.66 8.32
N ALA A 642 -12.62 -11.73 7.25
CA ALA A 642 -14.07 -11.85 7.36
C ALA A 642 -14.56 -13.29 7.37
N ARG A 643 -13.69 -14.25 7.06
CA ARG A 643 -14.08 -15.67 7.12
C ARG A 643 -14.45 -16.13 8.52
N LYS A 644 -14.26 -15.29 9.54
CA LYS A 644 -14.68 -15.60 10.90
C LYS A 644 -16.13 -15.25 11.17
N HIS A 645 -16.89 -14.85 10.14
CA HIS A 645 -18.27 -14.42 10.28
C HIS A 645 -19.23 -15.44 9.67
N THR A 646 -18.87 -16.72 9.68
CA THR A 646 -19.67 -17.73 9.02
C THR A 646 -21.08 -17.79 9.61
N THR A 647 -21.19 -17.59 10.93
CA THR A 647 -22.48 -17.79 11.61
C THR A 647 -23.28 -16.51 11.75
N CYS A 648 -22.63 -15.38 11.98
CA CYS A 648 -23.33 -14.13 12.28
C CYS A 648 -23.68 -13.31 11.04
N CYS A 649 -23.05 -13.58 9.90
CA CYS A 649 -23.26 -12.81 8.69
C CYS A 649 -23.58 -13.73 7.53
N SER A 650 -24.48 -13.29 6.67
CA SER A 650 -24.86 -14.02 5.47
C SER A 650 -23.92 -13.64 4.33
N LEU A 651 -24.12 -14.26 3.17
CA LEU A 651 -23.27 -13.97 2.02
C LEU A 651 -23.44 -12.53 1.56
N SER A 652 -24.67 -12.05 1.48
CA SER A 652 -24.91 -10.67 1.04
C SER A 652 -24.35 -9.67 2.05
N HIS A 653 -24.55 -9.91 3.34
CA HIS A 653 -24.00 -9.02 4.35
C HIS A 653 -22.48 -8.94 4.26
N ARG A 654 -21.83 -10.09 4.09
CA ARG A 654 -20.38 -10.10 4.02
C ARG A 654 -19.89 -9.42 2.75
N PHE A 655 -20.59 -9.63 1.62
CA PHE A 655 -20.18 -8.96 0.39
C PHE A 655 -20.33 -7.44 0.52
N TYR A 656 -21.42 -6.98 1.13
CA TYR A 656 -21.60 -5.54 1.28
C TYR A 656 -20.59 -4.95 2.25
N ARG A 657 -20.20 -5.70 3.28
CA ARG A 657 -19.12 -5.23 4.15
C ARG A 657 -17.81 -5.15 3.38
N LEU A 658 -17.53 -6.13 2.53
CA LEU A 658 -16.34 -6.08 1.69
C LEU A 658 -16.37 -4.86 0.77
N ALA A 659 -17.55 -4.57 0.21
CA ALA A 659 -17.68 -3.41 -0.66
C ALA A 659 -17.45 -2.11 0.10
N ASN A 660 -17.97 -2.03 1.33
CA ASN A 660 -17.71 -0.87 2.16
C ASN A 660 -16.22 -0.72 2.42
N GLU A 661 -15.54 -1.82 2.75
CA GLU A 661 -14.10 -1.76 2.99
C GLU A 661 -13.35 -1.30 1.75
N CYS A 662 -13.76 -1.79 0.58
CA CYS A 662 -13.07 -1.41 -0.65
C CYS A 662 -13.35 0.03 -1.04
N ALA A 663 -14.52 0.55 -0.69
CA ALA A 663 -14.88 1.93 -1.00
C ALA A 663 -14.47 2.91 0.09
N GLN A 664 -13.92 2.42 1.20
CA GLN A 664 -13.45 3.28 2.28
C GLN A 664 -11.96 3.10 2.56
N VAL A 665 -11.28 2.24 1.82
CA VAL A 665 -9.85 1.98 2.05
C VAL A 665 -9.15 1.75 0.71
N LEU A 666 -9.60 0.74 -0.03
CA LEU A 666 -8.91 0.33 -1.25
C LEU A 666 -8.89 1.45 -2.27
N SER A 667 -10.07 1.89 -2.71
CA SER A 667 -10.20 2.94 -3.73
C SER A 667 -11.13 4.04 -3.21
N GLU A 668 -10.63 4.79 -2.23
CA GLU A 668 -11.41 5.83 -1.59
C GLU A 668 -11.23 7.15 -2.32
N MET A 669 -11.68 8.24 -1.70
CA MET A 669 -11.41 9.60 -2.15
C MET A 669 -10.56 10.28 -1.09
N VAL A 670 -9.51 10.98 -1.53
CA VAL A 670 -8.47 11.49 -0.63
C VAL A 670 -8.43 13.01 -0.78
N MET A 671 -8.63 13.72 0.33
CA MET A 671 -8.49 15.16 0.36
C MET A 671 -7.04 15.50 0.71
N CYS A 672 -6.33 16.11 -0.24
CA CYS A 672 -4.93 16.52 -0.05
C CYS A 672 -4.84 18.02 -0.28
N GLY A 673 -4.89 18.78 0.81
CA GLY A 673 -4.80 20.22 0.72
C GLY A 673 -6.05 20.88 0.16
N GLY A 674 -7.22 20.41 0.55
CA GLY A 674 -8.47 20.99 0.08
C GLY A 674 -8.91 20.54 -1.29
N SER A 675 -8.26 19.53 -1.86
CA SER A 675 -8.57 19.05 -3.20
C SER A 675 -8.77 17.54 -3.14
N LEU A 676 -9.83 17.06 -3.79
CA LEU A 676 -10.15 15.64 -3.81
C LEU A 676 -9.41 14.94 -4.95
N TYR A 677 -8.89 13.76 -4.65
CA TYR A 677 -8.23 12.92 -5.64
C TYR A 677 -8.72 11.49 -5.47
N VAL A 678 -8.50 10.68 -6.49
CA VAL A 678 -8.88 9.27 -6.49
C VAL A 678 -7.63 8.44 -6.21
N LYS A 679 -7.70 7.59 -5.19
CA LYS A 679 -6.58 6.73 -4.86
C LYS A 679 -6.55 5.53 -5.82
N PRO A 680 -5.43 5.26 -6.48
CA PRO A 680 -5.41 4.14 -7.43
C PRO A 680 -5.60 2.79 -6.77
N GLY A 681 -5.14 2.63 -5.53
CA GLY A 681 -5.31 1.36 -4.83
C GLY A 681 -4.39 1.31 -3.62
N GLY A 682 -4.02 0.08 -3.25
CA GLY A 682 -3.16 -0.14 -2.12
C GLY A 682 -3.94 -0.22 -0.81
N THR A 683 -3.21 -0.05 0.28
CA THR A 683 -3.77 -0.15 1.63
C THR A 683 -3.57 1.17 2.36
N SER A 684 -4.63 1.65 2.99
CA SER A 684 -4.53 2.83 3.83
C SER A 684 -3.80 2.50 5.12
N SER A 685 -3.25 3.53 5.76
CA SER A 685 -2.53 3.36 7.00
C SER A 685 -3.38 3.65 8.24
N GLY A 686 -4.57 4.21 8.07
CA GLY A 686 -5.44 4.53 9.18
C GLY A 686 -6.67 3.65 9.32
N ASP A 687 -6.76 2.56 8.57
CA ASP A 687 -7.90 1.67 8.70
C ASP A 687 -7.76 0.80 9.93
N ALA A 688 -8.89 0.22 10.35
CA ALA A 688 -8.89 -0.59 11.57
C ALA A 688 -7.97 -1.80 11.44
N THR A 689 -7.93 -2.41 10.26
CA THR A 689 -7.18 -3.64 10.03
C THR A 689 -5.88 -3.40 9.28
N THR A 690 -5.13 -2.36 9.67
CA THR A 690 -3.87 -2.07 8.99
C THR A 690 -2.83 -3.13 9.29
N ALA A 691 -2.56 -3.39 10.57
CA ALA A 691 -1.49 -4.31 10.94
C ALA A 691 -1.83 -5.74 10.57
N TYR A 692 -3.07 -6.16 10.81
CA TYR A 692 -3.44 -7.56 10.65
C TYR A 692 -3.61 -7.93 9.18
N ALA A 693 -4.16 -7.02 8.37
CA ALA A 693 -4.19 -7.25 6.93
C ALA A 693 -2.78 -7.34 6.37
N ASN A 694 -1.87 -6.50 6.88
CA ASN A 694 -0.48 -6.59 6.45
C ASN A 694 0.14 -7.92 6.84
N SER A 695 -0.20 -8.44 8.02
CA SER A 695 0.30 -9.75 8.41
C SER A 695 -0.24 -10.84 7.49
N VAL A 696 -1.52 -10.76 7.15
CA VAL A 696 -2.10 -11.74 6.21
C VAL A 696 -1.37 -11.67 4.88
N PHE A 697 -1.08 -10.45 4.41
CA PHE A 697 -0.38 -10.29 3.14
C PHE A 697 1.03 -10.86 3.20
N ASN A 698 1.71 -10.66 4.33
CA ASN A 698 3.06 -11.20 4.49
C ASN A 698 3.03 -12.72 4.46
N ILE A 699 2.09 -13.33 5.18
CA ILE A 699 2.00 -14.79 5.19
C ILE A 699 1.65 -15.30 3.79
N CYS A 700 0.81 -14.56 3.06
CA CYS A 700 0.46 -14.96 1.70
C CYS A 700 1.67 -14.93 0.79
N GLN A 701 2.47 -13.87 0.87
CA GLN A 701 3.68 -13.80 0.06
C GLN A 701 4.65 -14.92 0.42
N ALA A 702 4.76 -15.24 1.71
CA ALA A 702 5.67 -16.32 2.11
C ALA A 702 5.20 -17.66 1.57
N VAL A 703 3.91 -17.96 1.70
CA VAL A 703 3.40 -19.23 1.20
C VAL A 703 3.53 -19.29 -0.33
N THR A 704 3.33 -18.16 -1.00
CA THR A 704 3.50 -18.13 -2.45
C THR A 704 4.94 -18.41 -2.84
N ALA A 705 5.90 -17.83 -2.09
CA ALA A 705 7.31 -18.10 -2.36
C ALA A 705 7.62 -19.58 -2.17
N ASN A 706 7.07 -20.19 -1.11
CA ASN A 706 7.32 -21.60 -0.88
C ASN A 706 6.73 -22.46 -2.01
N VAL A 707 5.51 -22.15 -2.43
CA VAL A 707 4.86 -22.91 -3.49
C VAL A 707 5.66 -22.79 -4.78
N ASN A 708 6.13 -21.58 -5.09
CA ASN A 708 6.93 -21.39 -6.30
C ASN A 708 8.25 -22.13 -6.21
N ALA A 709 8.85 -22.16 -5.02
CA ALA A 709 10.12 -22.85 -4.84
C ALA A 709 9.96 -24.35 -5.07
N LEU A 710 8.90 -24.94 -4.50
CA LEU A 710 8.72 -26.38 -4.63
C LEU A 710 8.46 -26.78 -6.08
N LEU A 711 7.58 -26.05 -6.77
CA LEU A 711 7.25 -26.41 -8.15
C LEU A 711 8.40 -26.12 -9.10
N SER A 712 9.20 -25.10 -8.81
CA SER A 712 10.33 -24.78 -9.67
C SER A 712 11.44 -25.83 -9.63
N THR A 713 11.37 -26.77 -8.68
CA THR A 713 12.39 -27.80 -8.59
C THR A 713 12.17 -28.86 -9.67
N ASP A 714 13.26 -29.52 -10.05
CA ASP A 714 13.20 -30.51 -11.11
C ASP A 714 12.22 -31.64 -10.77
N GLY A 715 12.17 -32.01 -9.50
CA GLY A 715 11.33 -33.15 -9.09
C GLY A 715 12.01 -34.48 -9.29
N ASN A 716 12.55 -34.73 -10.48
CA ASN A 716 13.30 -35.96 -10.71
C ASN A 716 14.57 -35.99 -9.88
N LYS A 717 15.19 -34.84 -9.63
CA LYS A 717 16.43 -34.78 -8.86
C LYS A 717 16.18 -35.06 -7.38
N ILE A 718 15.01 -34.66 -6.86
CA ILE A 718 14.74 -34.81 -5.43
C ILE A 718 14.83 -36.28 -5.06
N ALA A 719 15.77 -36.62 -4.20
CA ALA A 719 16.00 -38.00 -3.79
C ALA A 719 15.13 -38.44 -2.63
N ASP A 720 14.12 -37.65 -2.28
CA ASP A 720 13.19 -37.96 -1.20
C ASP A 720 11.81 -38.23 -1.80
N LYS A 721 11.25 -39.39 -1.49
CA LYS A 721 9.95 -39.76 -2.06
C LYS A 721 8.84 -38.90 -1.48
N TYR A 722 8.94 -38.55 -0.19
CA TYR A 722 7.87 -37.77 0.44
C TYR A 722 7.72 -36.41 -0.21
N VAL A 723 8.83 -35.69 -0.41
CA VAL A 723 8.75 -34.36 -0.97
C VAL A 723 8.38 -34.43 -2.45
N ARG A 724 8.80 -35.49 -3.15
CA ARG A 724 8.40 -35.63 -4.55
C ARG A 724 6.90 -35.83 -4.67
N ASN A 725 6.33 -36.69 -3.84
CA ASN A 725 4.88 -36.87 -3.82
C ASN A 725 4.19 -35.58 -3.40
N LEU A 726 4.78 -34.84 -2.47
CA LEU A 726 4.21 -33.55 -2.07
C LEU A 726 4.16 -32.58 -3.24
N GLN A 727 5.23 -32.52 -4.03
CA GLN A 727 5.25 -31.65 -5.20
C GLN A 727 4.21 -32.08 -6.22
N HIS A 728 4.13 -33.39 -6.49
CA HIS A 728 3.14 -33.90 -7.43
C HIS A 728 1.72 -33.52 -6.99
N ARG A 729 1.41 -33.75 -5.72
CA ARG A 729 0.06 -33.45 -5.23
C ARG A 729 -0.18 -31.94 -5.14
N LEU A 730 0.88 -31.14 -4.97
CA LEU A 730 0.72 -29.70 -5.01
C LEU A 730 0.32 -29.25 -6.39
N TYR A 731 1.01 -29.74 -7.42
CA TYR A 731 0.60 -29.44 -8.78
C TYR A 731 -0.83 -29.90 -9.04
N GLU A 732 -1.19 -31.09 -8.55
CA GLU A 732 -2.55 -31.58 -8.72
C GLU A 732 -3.57 -30.66 -8.08
N CYS A 733 -3.34 -30.24 -6.84
CA CYS A 733 -4.28 -29.41 -6.11
C CYS A 733 -4.27 -27.97 -6.59
N LEU A 734 -3.30 -27.58 -7.40
CA LEU A 734 -3.25 -26.23 -7.95
C LEU A 734 -3.90 -26.14 -9.33
N TYR A 735 -3.42 -26.94 -10.28
CA TYR A 735 -3.81 -26.79 -11.68
C TYR A 735 -4.65 -27.94 -12.22
N ARG A 736 -5.14 -28.83 -11.34
CA ARG A 736 -5.95 -29.95 -11.79
C ARG A 736 -7.19 -30.22 -10.95
N ASN A 737 -7.28 -29.70 -9.72
CA ASN A 737 -8.42 -29.94 -8.85
C ASN A 737 -9.02 -28.60 -8.45
N ARG A 738 -10.30 -28.42 -8.75
CA ARG A 738 -10.99 -27.18 -8.39
C ARG A 738 -11.37 -27.17 -6.91
N ASP A 739 -12.00 -28.23 -6.42
CA ASP A 739 -12.45 -28.27 -5.04
C ASP A 739 -11.26 -28.32 -4.09
N VAL A 740 -11.39 -27.63 -2.96
CA VAL A 740 -10.32 -27.60 -1.98
C VAL A 740 -10.09 -28.99 -1.42
N ASP A 741 -8.82 -29.38 -1.29
CA ASP A 741 -8.45 -30.65 -0.68
C ASP A 741 -7.92 -30.34 0.72
N THR A 742 -8.75 -30.59 1.73
CA THR A 742 -8.39 -30.17 3.09
C THR A 742 -7.20 -30.96 3.63
N ASP A 743 -7.11 -32.25 3.30
CA ASP A 743 -6.03 -33.07 3.85
C ASP A 743 -4.68 -32.61 3.34
N PHE A 744 -4.57 -32.30 2.03
CA PHE A 744 -3.30 -31.83 1.51
C PHE A 744 -3.00 -30.41 1.99
N VAL A 745 -4.02 -29.58 2.17
CA VAL A 745 -3.79 -28.26 2.76
C VAL A 745 -3.19 -28.40 4.14
N ASN A 746 -3.71 -29.33 4.95
CA ASN A 746 -3.17 -29.54 6.28
C ASN A 746 -1.75 -30.09 6.20
N GLU A 747 -1.50 -31.01 5.27
CA GLU A 747 -0.15 -31.57 5.15
C GLU A 747 0.85 -30.51 4.74
N PHE A 748 0.48 -29.63 3.80
CA PHE A 748 1.37 -28.55 3.38
C PHE A 748 1.58 -27.54 4.50
N TYR A 749 0.53 -27.27 5.28
CA TYR A 749 0.67 -26.37 6.43
C TYR A 749 1.65 -26.94 7.44
N ALA A 750 1.54 -28.25 7.71
CA ALA A 750 2.49 -28.89 8.63
C ALA A 750 3.90 -28.87 8.06
N TYR A 751 4.04 -29.13 6.76
CA TYR A 751 5.35 -29.08 6.12
C TYR A 751 5.99 -27.71 6.29
N LEU A 752 5.23 -26.65 6.03
CA LEU A 752 5.77 -25.30 6.15
C LEU A 752 6.09 -24.96 7.60
N ARG A 753 5.22 -25.33 8.54
CA ARG A 753 5.51 -25.05 9.94
C ARG A 753 6.75 -25.79 10.42
N LYS A 754 6.99 -26.99 9.89
CA LYS A 754 8.17 -27.75 10.30
C LYS A 754 9.44 -27.19 9.69
N HIS A 755 9.43 -26.94 8.38
CA HIS A 755 10.62 -26.50 7.66
C HIS A 755 10.64 -25.01 7.38
N PHE A 756 9.69 -24.25 7.93
CA PHE A 756 9.60 -22.83 7.61
C PHE A 756 8.83 -22.08 8.69
N SER A 757 9.39 -22.02 9.90
CA SER A 757 8.73 -21.33 10.99
C SER A 757 8.83 -19.83 10.80
N MET A 758 7.74 -19.11 11.08
CA MET A 758 7.64 -17.69 10.78
C MET A 758 7.21 -16.93 12.02
N MET A 759 7.67 -15.67 12.08
CA MET A 759 7.25 -14.71 13.08
C MET A 759 6.91 -13.43 12.33
N ILE A 760 5.66 -12.99 12.43
CA ILE A 760 5.12 -11.93 11.58
C ILE A 760 4.54 -10.83 12.44
N LEU A 761 5.08 -9.62 12.27
CA LEU A 761 4.40 -8.39 12.62
C LEU A 761 4.19 -7.68 11.28
N SER A 762 3.25 -6.73 11.23
CA SER A 762 2.56 -6.31 10.01
C SER A 762 3.50 -6.46 8.81
N ASP A 763 4.62 -5.76 8.74
CA ASP A 763 5.52 -5.91 7.59
C ASP A 763 6.87 -6.54 7.93
N ASP A 764 7.20 -6.72 9.20
CA ASP A 764 8.45 -7.35 9.58
C ASP A 764 8.23 -8.84 9.77
N ALA A 765 9.17 -9.64 9.29
CA ALA A 765 9.04 -11.07 9.39
C ALA A 765 10.41 -11.70 9.61
N VAL A 766 10.46 -12.65 10.53
CA VAL A 766 11.63 -13.49 10.76
C VAL A 766 11.25 -14.91 10.38
N VAL A 767 12.20 -15.66 9.83
CA VAL A 767 11.95 -17.02 9.39
C VAL A 767 13.10 -17.91 9.83
N CYS A 768 12.77 -19.05 10.44
CA CYS A 768 13.71 -20.13 10.67
C CYS A 768 13.40 -21.26 9.70
N PHE A 769 14.38 -21.61 8.86
CA PHE A 769 14.16 -22.56 7.78
C PHE A 769 15.26 -23.62 7.77
N ASN A 770 14.96 -24.75 7.13
CA ASN A 770 15.94 -25.81 6.97
C ASN A 770 16.89 -25.43 5.85
N SER A 771 18.19 -25.32 6.18
CA SER A 771 19.16 -24.86 5.20
C SER A 771 19.33 -25.87 4.07
N THR A 772 19.31 -27.17 4.39
CA THR A 772 19.50 -28.18 3.36
C THR A 772 18.35 -28.18 2.36
N TYR A 773 17.11 -28.13 2.86
CA TYR A 773 15.96 -28.10 1.96
C TYR A 773 15.98 -26.84 1.10
N ALA A 774 16.33 -25.70 1.69
CA ALA A 774 16.42 -24.47 0.91
C ALA A 774 17.48 -24.59 -0.18
N SER A 775 18.63 -25.19 0.15
CA SER A 775 19.67 -25.37 -0.84
C SER A 775 19.21 -26.28 -1.96
N GLN A 776 18.43 -27.31 -1.63
CA GLN A 776 17.90 -28.23 -2.63
C GLN A 776 16.64 -27.71 -3.32
N GLY A 777 16.14 -26.55 -2.91
CA GLY A 777 14.97 -25.96 -3.54
C GLY A 777 13.64 -26.38 -2.96
N LEU A 778 13.64 -27.16 -1.88
CA LEU A 778 12.38 -27.67 -1.34
C LEU A 778 11.64 -26.60 -0.54
N VAL A 779 12.35 -25.62 0.03
CA VAL A 779 11.73 -24.51 0.71
C VAL A 779 12.27 -23.21 0.12
N ALA A 780 11.54 -22.12 0.37
CA ALA A 780 11.83 -20.85 -0.27
C ALA A 780 13.13 -20.25 0.25
N SER A 781 13.79 -19.49 -0.61
CA SER A 781 14.97 -18.70 -0.27
C SER A 781 14.65 -17.23 -0.54
N ILE A 782 15.67 -16.37 -0.41
CA ILE A 782 15.47 -14.95 -0.65
C ILE A 782 15.21 -14.69 -2.12
N LYS A 783 15.80 -15.49 -3.02
CA LYS A 783 15.57 -15.30 -4.45
C LYS A 783 14.12 -15.59 -4.81
N ASN A 784 13.50 -16.57 -4.15
CA ASN A 784 12.09 -16.85 -4.40
C ASN A 784 11.21 -15.69 -3.96
N PHE A 785 11.52 -15.10 -2.80
CA PHE A 785 10.78 -13.93 -2.36
C PHE A 785 10.96 -12.77 -3.33
N LYS A 786 12.17 -12.60 -3.86
CA LYS A 786 12.41 -11.56 -4.85
C LYS A 786 11.56 -11.79 -6.09
N SER A 787 11.53 -13.02 -6.60
CA SER A 787 10.75 -13.32 -7.78
C SER A 787 9.26 -13.08 -7.54
N VAL A 788 8.75 -13.50 -6.38
CA VAL A 788 7.34 -13.29 -6.07
C VAL A 788 7.03 -11.80 -5.99
N LEU A 789 7.85 -11.04 -5.27
CA LEU A 789 7.62 -9.60 -5.18
C LEU A 789 7.70 -8.95 -6.55
N TYR A 790 8.48 -9.52 -7.46
CA TYR A 790 8.56 -8.98 -8.81
C TYR A 790 7.26 -9.21 -9.57
N TYR A 791 6.84 -10.48 -9.68
CA TYR A 791 5.70 -10.79 -10.54
C TYR A 791 4.36 -10.52 -9.86
N GLN A 792 4.33 -10.44 -8.52
CA GLN A 792 3.11 -10.14 -7.79
C GLN A 792 3.05 -8.69 -7.33
N ASN A 793 3.97 -8.28 -6.46
CA ASN A 793 3.91 -6.96 -5.84
C ASN A 793 4.43 -5.85 -6.74
N ASN A 794 5.01 -6.19 -7.89
CA ASN A 794 5.50 -5.18 -8.84
C ASN A 794 6.54 -4.27 -8.20
N VAL A 795 7.42 -4.85 -7.38
CA VAL A 795 8.53 -4.13 -6.75
C VAL A 795 9.74 -5.04 -6.76
N PHE A 796 10.91 -4.43 -6.89
CA PHE A 796 12.18 -5.15 -6.85
C PHE A 796 12.76 -5.07 -5.45
N MET A 797 13.06 -6.22 -4.86
CA MET A 797 13.63 -6.31 -3.52
C MET A 797 15.15 -6.41 -3.64
N SER A 798 15.85 -5.41 -3.09
CA SER A 798 17.30 -5.41 -3.11
C SER A 798 17.83 -6.32 -2.00
N GLU A 799 18.79 -7.18 -2.37
CA GLU A 799 19.34 -8.12 -1.39
C GLU A 799 19.99 -7.41 -0.22
N ALA A 800 20.33 -6.13 -0.37
CA ALA A 800 20.98 -5.40 0.73
C ALA A 800 20.05 -5.29 1.93
N LYS A 801 18.75 -5.11 1.69
CA LYS A 801 17.78 -4.92 2.77
C LYS A 801 17.27 -6.24 3.35
N CYS A 802 17.66 -7.38 2.78
CA CYS A 802 17.34 -8.69 3.33
C CYS A 802 18.57 -9.27 4.00
N TRP A 803 18.36 -10.05 5.05
CA TRP A 803 19.45 -10.59 5.84
C TRP A 803 19.26 -12.09 6.06
N THR A 804 20.39 -12.78 6.15
CA THR A 804 20.43 -14.21 6.40
C THR A 804 21.47 -14.50 7.48
N GLU A 805 21.05 -15.20 8.53
CA GLU A 805 21.92 -15.53 9.67
C GLU A 805 22.16 -17.03 9.70
N THR A 806 23.43 -17.42 9.60
CA THR A 806 23.78 -18.83 9.62
C THR A 806 23.76 -19.39 11.05
N ASP A 807 24.11 -18.59 12.03
CA ASP A 807 24.22 -19.03 13.41
C ASP A 807 22.99 -18.61 14.21
N LEU A 808 22.30 -19.58 14.79
CA LEU A 808 21.14 -19.27 15.62
C LEU A 808 21.56 -18.53 16.89
N THR A 809 22.80 -18.75 17.35
CA THR A 809 23.23 -18.13 18.60
C THR A 809 23.20 -16.62 18.52
N LYS A 810 23.63 -16.06 17.38
CA LYS A 810 23.63 -14.60 17.24
C LYS A 810 22.21 -14.05 17.23
N GLY A 811 21.29 -14.73 16.56
CA GLY A 811 19.90 -14.34 16.53
C GLY A 811 19.55 -13.51 15.32
N PRO A 812 18.31 -13.03 15.26
CA PRO A 812 17.90 -12.20 14.12
C PRO A 812 18.75 -10.95 14.00
N HIS A 813 19.16 -10.64 12.77
CA HIS A 813 19.92 -9.41 12.55
C HIS A 813 19.09 -8.18 12.88
N GLU A 814 17.80 -8.22 12.57
CA GLU A 814 16.91 -7.09 12.87
C GLU A 814 15.46 -7.54 12.79
N PHE A 815 14.70 -7.26 13.83
CA PHE A 815 13.25 -7.45 13.82
C PHE A 815 12.62 -6.36 14.66
N CYS A 816 11.67 -5.63 14.07
CA CYS A 816 11.04 -4.47 14.71
C CYS A 816 12.08 -3.40 15.04
N SER A 817 13.11 -3.29 14.22
CA SER A 817 14.19 -2.31 14.35
C SER A 817 15.04 -2.52 15.59
N GLN A 818 14.94 -3.67 16.24
CA GLN A 818 15.71 -3.99 17.43
C GLN A 818 16.61 -5.19 17.16
N HIS A 819 17.84 -5.13 17.67
CA HIS A 819 18.77 -6.23 17.49
C HIS A 819 18.71 -7.16 18.70
N THR A 820 19.30 -8.34 18.54
CA THR A 820 19.21 -9.42 19.54
C THR A 820 20.59 -9.73 20.08
N MET A 821 20.70 -9.79 21.40
CA MET A 821 21.94 -10.18 22.07
C MET A 821 21.67 -11.32 23.04
N LEU A 822 22.55 -12.31 23.04
CA LEU A 822 22.47 -13.44 23.97
C LEU A 822 23.30 -13.11 25.20
N VAL A 823 22.63 -12.92 26.34
CA VAL A 823 23.31 -12.49 27.57
C VAL A 823 22.93 -13.42 28.71
N LYS A 824 23.83 -13.54 29.67
CA LYS A 824 23.66 -14.45 30.80
C LYS A 824 22.94 -13.74 31.93
N GLN A 825 21.77 -14.27 32.30
CA GLN A 825 20.98 -13.73 33.41
C GLN A 825 20.67 -14.87 34.37
N GLY A 826 21.21 -14.79 35.58
CA GLY A 826 20.94 -15.77 36.61
C GLY A 826 21.25 -17.19 36.18
N ASP A 827 22.42 -17.39 35.57
CA ASP A 827 22.94 -18.68 35.11
C ASP A 827 22.23 -19.14 33.83
N ASP A 828 21.23 -18.40 33.35
CA ASP A 828 20.49 -18.76 32.15
C ASP A 828 20.72 -17.71 31.07
N TYR A 829 21.00 -18.17 29.86
CA TYR A 829 21.16 -17.27 28.72
C TYR A 829 19.81 -16.89 28.16
N VAL A 830 19.67 -15.62 27.78
CA VAL A 830 18.43 -15.08 27.25
C VAL A 830 18.73 -14.19 26.05
N TYR A 831 17.77 -14.10 25.15
CA TYR A 831 17.83 -13.18 24.03
C TYR A 831 17.17 -11.87 24.42
N LEU A 832 17.92 -10.77 24.33
CA LEU A 832 17.45 -9.48 24.75
C LEU A 832 17.48 -8.50 23.59
N PRO A 833 16.48 -7.61 23.47
CA PRO A 833 16.46 -6.66 22.35
C PRO A 833 17.14 -5.34 22.70
N TYR A 834 18.26 -5.06 22.05
CA TYR A 834 18.88 -3.76 22.25
C TYR A 834 18.67 -2.88 21.03
N PRO A 835 18.43 -1.58 21.23
CA PRO A 835 18.17 -0.68 20.11
C PRO A 835 19.43 0.02 19.58
N ASP A 836 19.32 0.48 18.34
CA ASP A 836 20.37 1.29 17.77
C ASP A 836 20.63 2.51 18.66
N PRO A 837 21.86 2.74 19.12
CA PRO A 837 22.09 3.86 20.05
C PRO A 837 21.78 5.21 19.44
N SER A 838 21.99 5.38 18.13
CA SER A 838 21.73 6.68 17.51
C SER A 838 20.28 7.08 17.66
N ARG A 839 19.35 6.12 17.53
CA ARG A 839 17.94 6.43 17.67
C ARG A 839 17.63 6.96 19.06
N ILE A 840 18.15 6.29 20.10
CA ILE A 840 17.86 6.71 21.47
C ILE A 840 18.48 8.07 21.75
N LEU A 841 19.72 8.29 21.30
CA LEU A 841 20.36 9.58 21.54
C LEU A 841 19.62 10.70 20.82
N GLY A 842 19.16 10.44 19.60
CA GLY A 842 18.38 11.45 18.90
C GLY A 842 17.06 11.74 19.59
N ALA A 843 16.38 10.70 20.06
CA ALA A 843 15.14 10.92 20.81
C ALA A 843 15.39 11.72 22.06
N GLY A 844 16.57 11.56 22.68
CA GLY A 844 16.91 12.30 23.86
C GLY A 844 17.26 13.75 23.58
N CYS A 845 17.92 14.00 22.45
CA CYS A 845 18.38 15.34 22.12
C CYS A 845 17.31 16.19 21.42
N PHE A 846 16.62 15.62 20.42
CA PHE A 846 15.68 16.36 19.61
C PHE A 846 14.25 15.99 19.99
N VAL A 847 13.41 16.99 20.22
CA VAL A 847 12.02 16.80 20.58
C VAL A 847 11.16 17.57 19.58
N ASP A 848 9.92 17.10 19.39
CA ASP A 848 9.05 17.70 18.38
C ASP A 848 8.61 19.09 18.80
N ASP A 849 8.15 19.26 20.04
CA ASP A 849 7.66 20.52 20.54
C ASP A 849 8.61 21.07 21.61
N ILE A 850 8.31 22.30 22.05
CA ILE A 850 9.16 22.98 23.03
C ILE A 850 8.67 22.79 24.46
N VAL A 851 7.41 22.43 24.66
CA VAL A 851 6.90 22.24 26.02
C VAL A 851 7.64 21.09 26.70
N LYS A 852 8.01 20.06 25.94
CA LYS A 852 8.69 18.90 26.47
C LYS A 852 10.21 19.05 26.49
N THR A 853 10.75 20.16 25.99
CA THR A 853 12.20 20.29 25.88
C THR A 853 12.87 20.21 27.25
N ASP A 854 12.23 20.73 28.29
CA ASP A 854 12.77 20.67 29.63
C ASP A 854 11.65 20.87 30.63
N GLY A 855 11.89 20.42 31.86
CA GLY A 855 10.94 20.52 32.94
C GLY A 855 10.80 19.19 33.65
N THR A 856 9.76 19.08 34.47
CA THR A 856 9.51 17.84 35.18
C THR A 856 9.08 16.72 34.24
N LEU A 857 8.39 17.06 33.15
CA LEU A 857 7.92 16.05 32.22
C LEU A 857 9.07 15.32 31.54
N MET A 858 10.19 16.02 31.32
CA MET A 858 11.33 15.40 30.64
C MET A 858 11.82 14.16 31.37
N ILE A 859 11.63 14.11 32.69
CA ILE A 859 12.09 12.95 33.46
C ILE A 859 11.41 11.69 32.96
N GLU A 860 10.11 11.76 32.65
CA GLU A 860 9.40 10.59 32.17
C GLU A 860 9.96 10.13 30.82
N ARG A 861 10.25 11.08 29.93
CA ARG A 861 10.80 10.72 28.63
C ARG A 861 12.16 10.06 28.79
N PHE A 862 13.00 10.58 29.67
CA PHE A 862 14.33 9.99 29.84
C PHE A 862 14.26 8.67 30.58
N VAL A 863 13.31 8.49 31.50
CA VAL A 863 13.11 7.19 32.11
C VAL A 863 12.70 6.16 31.07
N SER A 864 11.79 6.53 30.16
CA SER A 864 11.38 5.59 29.13
C SER A 864 12.53 5.28 28.17
N LEU A 865 13.30 6.30 27.78
CA LEU A 865 14.44 6.05 26.90
C LEU A 865 15.48 5.19 27.59
N ALA A 866 15.64 5.34 28.91
CA ALA A 866 16.56 4.48 29.65
C ALA A 866 16.04 3.05 29.72
N ILE A 867 14.73 2.88 29.90
CA ILE A 867 14.15 1.54 29.86
C ILE A 867 14.45 0.90 28.52
N ASP A 868 14.36 1.67 27.44
CA ASP A 868 14.65 1.12 26.12
C ASP A 868 16.14 0.85 25.92
N ALA A 869 17.01 1.65 26.54
CA ALA A 869 18.44 1.57 26.29
C ALA A 869 19.16 0.59 27.21
N TYR A 870 18.55 0.15 28.31
CA TYR A 870 19.25 -0.71 29.25
C TYR A 870 19.93 -1.91 28.59
N PRO A 871 19.32 -2.61 27.63
CA PRO A 871 19.99 -3.78 27.04
C PRO A 871 21.33 -3.47 26.40
N LEU A 872 21.65 -2.20 26.16
CA LEU A 872 22.92 -1.84 25.55
C LEU A 872 24.09 -2.02 26.52
N THR A 873 23.80 -2.14 27.83
CA THR A 873 24.87 -2.31 28.80
C THR A 873 25.62 -3.63 28.63
N LYS A 874 25.01 -4.61 27.99
CA LYS A 874 25.62 -5.92 27.82
C LYS A 874 26.31 -6.08 26.47
N HIS A 875 26.34 -5.02 25.65
CA HIS A 875 27.03 -5.08 24.37
C HIS A 875 28.55 -5.11 24.61
N PRO A 876 29.30 -5.83 23.78
CA PRO A 876 30.76 -5.78 23.93
C PRO A 876 31.31 -4.37 23.75
N ASN A 877 30.72 -3.57 22.88
CA ASN A 877 31.16 -2.20 22.70
C ASN A 877 30.86 -1.40 23.96
N GLN A 878 31.87 -0.66 24.44
CA GLN A 878 31.72 0.06 25.71
C GLN A 878 30.85 1.30 25.56
N GLU A 879 30.93 1.99 24.40
CA GLU A 879 30.15 3.21 24.22
C GLU A 879 28.65 2.91 24.25
N TYR A 880 28.25 1.81 23.61
CA TYR A 880 26.85 1.41 23.66
C TYR A 880 26.36 1.28 25.09
N ALA A 881 27.21 0.73 25.97
CA ALA A 881 26.84 0.60 27.38
C ALA A 881 26.83 1.95 28.07
N ASP A 882 27.81 2.81 27.76
CA ASP A 882 27.87 4.13 28.38
C ASP A 882 26.68 4.99 28.02
N VAL A 883 26.00 4.69 26.91
CA VAL A 883 24.78 5.43 26.58
C VAL A 883 23.78 5.38 27.73
N PHE A 884 23.56 4.18 28.28
CA PHE A 884 22.58 4.02 29.35
C PHE A 884 23.01 4.78 30.60
N HIS A 885 24.30 4.71 30.94
CA HIS A 885 24.78 5.43 32.12
C HIS A 885 24.67 6.93 31.93
N LEU A 886 24.90 7.42 30.71
CA LEU A 886 24.66 8.82 30.40
C LEU A 886 23.21 9.19 30.67
N TYR A 887 22.28 8.37 30.18
CA TYR A 887 20.86 8.64 30.41
C TYR A 887 20.54 8.64 31.90
N LEU A 888 21.10 7.70 32.64
CA LEU A 888 20.85 7.63 34.09
C LEU A 888 21.36 8.89 34.78
N GLN A 889 22.59 9.30 34.45
CA GLN A 889 23.16 10.50 35.05
C GLN A 889 22.34 11.73 34.71
N TYR A 890 21.81 11.80 33.49
CA TYR A 890 20.98 12.95 33.13
C TYR A 890 19.68 12.94 33.91
N ILE A 891 19.08 11.77 34.10
CA ILE A 891 17.87 11.68 34.92
C ILE A 891 18.17 12.17 36.34
N ARG A 892 19.30 11.74 36.90
CA ARG A 892 19.66 12.17 38.24
C ARG A 892 19.84 13.69 38.30
N LYS A 893 20.53 14.26 37.31
CA LYS A 893 20.73 15.69 37.29
C LYS A 893 19.40 16.44 37.14
N LEU A 894 18.48 15.90 36.35
CA LEU A 894 17.17 16.52 36.20
C LEU A 894 16.41 16.53 37.53
N HIS A 895 16.46 15.41 38.26
CA HIS A 895 15.85 15.40 39.58
C HIS A 895 16.49 16.44 40.48
N ASP A 896 17.82 16.56 40.44
CA ASP A 896 18.51 17.53 41.28
C ASP A 896 18.06 18.95 40.94
N GLU A 897 18.01 19.28 39.65
CA GLU A 897 17.59 20.62 39.25
C GLU A 897 16.15 20.90 39.65
N LEU A 898 15.27 19.89 39.50
CA LEU A 898 13.88 20.07 39.89
C LEU A 898 13.78 20.34 41.39
N THR A 899 14.51 19.59 42.20
CA THR A 899 14.50 19.77 43.64
C THR A 899 15.00 21.16 44.02
N ASP A 913 12.89 10.07 47.81
CA ASP A 913 13.32 8.69 48.01
C ASP A 913 12.94 7.83 46.81
N ASN A 914 11.66 7.88 46.43
CA ASN A 914 11.18 7.02 45.35
C ASN A 914 11.94 7.29 44.05
N THR A 915 12.14 8.57 43.71
CA THR A 915 12.87 8.91 42.50
C THR A 915 14.20 8.19 42.41
N SER A 916 14.74 7.71 43.53
CA SER A 916 16.01 7.00 43.49
C SER A 916 15.98 5.85 42.49
N ARG A 917 14.87 5.10 42.46
CA ARG A 917 14.80 3.94 41.56
C ARG A 917 15.04 4.35 40.12
N TYR A 918 14.70 5.58 39.75
CA TYR A 918 14.87 6.01 38.37
C TYR A 918 16.35 6.14 38.01
N TRP A 919 17.18 6.58 38.95
CA TRP A 919 18.61 6.71 38.67
C TRP A 919 19.42 5.54 39.21
N GLU A 920 18.75 4.53 39.76
CA GLU A 920 19.41 3.28 40.11
C GLU A 920 19.00 2.20 39.13
N PRO A 921 19.94 1.40 38.61
CA PRO A 921 19.65 0.57 37.44
C PRO A 921 18.83 -0.70 37.72
N GLU A 922 18.49 -1.00 38.97
CA GLU A 922 17.72 -2.21 39.23
C GLU A 922 16.32 -2.11 38.64
N PHE A 923 15.74 -0.90 38.66
CA PHE A 923 14.41 -0.73 38.07
C PHE A 923 14.40 -1.11 36.60
N TYR A 924 15.47 -0.76 35.87
CA TYR A 924 15.53 -1.09 34.45
C TYR A 924 15.93 -2.54 34.24
N GLU A 925 16.79 -3.10 35.10
CA GLU A 925 17.14 -4.50 34.99
C GLU A 925 15.92 -5.39 35.19
N ALA A 926 15.01 -4.99 36.08
CA ALA A 926 13.84 -5.82 36.37
C ALA A 926 12.95 -5.95 35.14
N MET A 927 12.90 -4.93 34.29
CA MET A 927 11.97 -4.92 33.17
C MET A 927 12.29 -5.98 32.12
N TYR A 928 13.51 -6.53 32.14
CA TYR A 928 13.93 -7.51 31.15
C TYR A 928 14.12 -8.91 31.74
N THR A 929 13.58 -9.15 32.94
CA THR A 929 13.64 -10.47 33.56
C THR A 929 12.29 -11.16 33.48
N PRO A 930 12.27 -12.50 33.40
CA PRO A 930 11.02 -13.21 33.08
C PRO A 930 10.06 -13.38 34.24
N HIS A 931 10.20 -12.63 35.34
CA HIS A 931 9.30 -12.81 36.47
C HIS A 931 7.86 -12.49 36.07
N THR A 932 7.65 -11.34 35.44
CA THR A 932 6.30 -10.92 35.04
C THR A 932 6.11 -11.08 33.54
N GLU B 80 -26.12 15.22 23.78
CA GLU B 80 -27.48 15.72 23.64
C GLU B 80 -27.48 17.13 23.06
N ASP B 81 -27.08 18.12 23.85
CA ASP B 81 -26.96 19.48 23.34
C ASP B 81 -25.90 19.54 22.25
N LYS B 82 -24.74 18.92 22.48
CA LYS B 82 -23.71 18.88 21.47
C LYS B 82 -24.15 18.04 20.26
N ARG B 83 -24.96 17.01 20.50
CA ARG B 83 -25.56 16.26 19.40
C ARG B 83 -26.41 17.18 18.52
N ALA B 84 -27.24 18.01 19.15
CA ALA B 84 -28.06 18.95 18.40
C ALA B 84 -27.20 19.95 17.64
N LYS B 85 -26.11 20.42 18.28
CA LYS B 85 -25.20 21.33 17.59
C LYS B 85 -24.60 20.68 16.35
N VAL B 86 -24.19 19.42 16.46
CA VAL B 86 -23.61 18.72 15.32
C VAL B 86 -24.64 18.55 14.22
N THR B 87 -25.87 18.18 14.58
CA THR B 87 -26.93 18.04 13.58
C THR B 87 -27.16 19.37 12.85
N SER B 88 -27.27 20.45 13.62
CA SER B 88 -27.49 21.76 13.00
C SER B 88 -26.35 22.13 12.07
N ALA B 89 -25.10 21.88 12.50
CA ALA B 89 -23.96 22.23 11.67
C ALA B 89 -23.95 21.43 10.37
N MET B 90 -24.23 20.12 10.45
CA MET B 90 -24.24 19.31 9.23
C MET B 90 -25.37 19.74 8.30
N GLN B 91 -26.56 20.01 8.84
CA GLN B 91 -27.65 20.48 8.00
C GLN B 91 -27.31 21.80 7.34
N THR B 92 -26.71 22.73 8.09
CA THR B 92 -26.33 24.01 7.52
C THR B 92 -25.30 23.83 6.41
N MET B 93 -24.31 22.95 6.63
CA MET B 93 -23.31 22.71 5.60
C MET B 93 -23.94 22.14 4.34
N LEU B 94 -24.86 21.18 4.50
CA LEU B 94 -25.48 20.58 3.32
C LEU B 94 -26.33 21.59 2.56
N PHE B 95 -27.12 22.40 3.27
CA PHE B 95 -27.95 23.39 2.58
C PHE B 95 -27.10 24.51 1.98
N THR B 96 -25.95 24.81 2.58
CA THR B 96 -25.03 25.77 1.98
C THR B 96 -24.44 25.23 0.69
N MET B 97 -24.02 23.97 0.70
CA MET B 97 -23.54 23.36 -0.54
C MET B 97 -24.64 23.31 -1.58
N LEU B 98 -25.89 23.15 -1.15
CA LEU B 98 -27.01 23.24 -2.09
C LEU B 98 -27.11 24.63 -2.69
N ARG B 99 -26.99 25.68 -1.86
CA ARG B 99 -26.94 27.03 -2.39
C ARG B 99 -25.79 27.18 -3.38
N LYS B 100 -24.67 26.50 -3.13
CA LYS B 100 -23.54 26.46 -4.05
C LYS B 100 -23.80 25.54 -5.23
N LEU B 101 -24.92 24.82 -5.24
CA LEU B 101 -25.24 23.88 -6.31
C LEU B 101 -26.20 24.52 -7.29
N ASP B 102 -26.06 24.14 -8.56
CA ASP B 102 -26.90 24.64 -9.64
C ASP B 102 -27.50 23.46 -10.39
N ASN B 103 -28.75 23.61 -10.81
CA ASN B 103 -29.49 22.52 -11.44
C ASN B 103 -29.67 22.69 -12.94
N ASP B 104 -29.38 23.86 -13.51
CA ASP B 104 -29.48 24.02 -14.96
C ASP B 104 -28.61 23.00 -15.68
N ALA B 105 -27.40 22.77 -15.17
CA ALA B 105 -26.52 21.77 -15.77
C ALA B 105 -26.82 20.37 -15.26
N LEU B 106 -27.15 20.24 -13.97
CA LEU B 106 -27.35 18.92 -13.38
C LEU B 106 -28.56 18.23 -13.97
N ASN B 107 -29.72 18.90 -13.97
CA ASN B 107 -30.93 18.26 -14.46
C ASN B 107 -30.78 17.80 -15.90
N ASN B 108 -29.94 18.48 -16.68
CA ASN B 108 -29.68 18.03 -18.05
C ASN B 108 -29.14 16.60 -18.06
N ILE B 109 -28.08 16.35 -17.30
CA ILE B 109 -27.50 15.02 -17.28
C ILE B 109 -28.43 14.03 -16.60
N ILE B 110 -29.19 14.49 -15.60
CA ILE B 110 -30.09 13.59 -14.88
C ILE B 110 -31.19 13.08 -15.82
N ASN B 111 -31.75 13.98 -16.63
CA ASN B 111 -32.80 13.58 -17.56
C ASN B 111 -32.22 12.79 -18.74
N ASN B 112 -31.04 13.20 -19.23
CA ASN B 112 -30.41 12.47 -20.32
C ASN B 112 -30.12 11.02 -19.91
N ALA B 113 -29.75 10.80 -18.64
CA ALA B 113 -29.43 9.46 -18.18
C ALA B 113 -30.67 8.59 -18.14
N ARG B 114 -30.59 7.42 -18.78
CA ARG B 114 -31.71 6.48 -18.75
C ARG B 114 -32.01 6.03 -17.32
N ASP B 115 -30.96 5.75 -16.55
CA ASP B 115 -31.14 5.29 -15.17
C ASP B 115 -31.38 6.45 -14.22
N GLY B 116 -30.74 7.59 -14.47
CA GLY B 116 -30.68 8.67 -13.50
C GLY B 116 -29.47 8.61 -12.60
N CYS B 117 -28.68 7.55 -12.69
CA CYS B 117 -27.44 7.41 -11.92
C CYS B 117 -26.26 7.81 -12.81
N VAL B 118 -25.40 8.68 -12.30
CA VAL B 118 -24.26 9.17 -13.04
C VAL B 118 -23.01 9.01 -12.19
N PRO B 119 -21.84 8.74 -12.79
CA PRO B 119 -20.61 8.74 -12.00
C PRO B 119 -20.39 10.10 -11.34
N LEU B 120 -19.87 10.07 -10.12
CA LEU B 120 -19.62 11.33 -9.41
C LEU B 120 -18.55 12.16 -10.13
N ASN B 121 -17.51 11.50 -10.63
CA ASN B 121 -16.38 12.22 -11.21
C ASN B 121 -16.81 13.12 -12.36
N ILE B 122 -17.81 12.70 -13.14
CA ILE B 122 -18.21 13.50 -14.29
C ILE B 122 -19.02 14.73 -13.88
N ILE B 123 -19.54 14.77 -12.65
CA ILE B 123 -20.35 15.92 -12.24
C ILE B 123 -19.55 17.20 -12.24
N PRO B 124 -18.40 17.30 -11.56
CA PRO B 124 -17.63 18.55 -11.64
C PRO B 124 -17.10 18.83 -13.03
N LEU B 125 -16.86 17.79 -13.85
CA LEU B 125 -16.33 18.01 -15.18
C LEU B 125 -17.32 18.74 -16.07
N THR B 126 -18.59 18.36 -16.00
CA THR B 126 -19.61 18.87 -16.91
C THR B 126 -20.50 19.94 -16.29
N THR B 127 -20.28 20.29 -15.03
CA THR B 127 -21.13 21.27 -14.35
C THR B 127 -20.36 22.34 -13.59
N ALA B 128 -19.05 22.20 -13.40
CA ALA B 128 -18.29 23.18 -12.65
C ALA B 128 -18.15 24.47 -13.47
N ALA B 129 -18.47 25.60 -12.84
CA ALA B 129 -18.36 26.88 -13.53
C ALA B 129 -16.91 27.37 -13.58
N LYS B 130 -16.14 27.08 -12.53
CA LYS B 130 -14.76 27.54 -12.41
C LYS B 130 -13.81 26.36 -12.47
N LEU B 131 -12.68 26.55 -13.14
CA LEU B 131 -11.62 25.56 -13.23
C LEU B 131 -10.36 26.10 -12.58
N MET B 132 -9.75 25.29 -11.71
CA MET B 132 -8.49 25.61 -11.07
C MET B 132 -7.41 24.65 -11.56
N VAL B 133 -6.31 25.20 -12.06
CA VAL B 133 -5.21 24.42 -12.62
C VAL B 133 -3.96 24.75 -11.84
N VAL B 134 -3.32 23.72 -11.28
CA VAL B 134 -2.06 23.86 -10.56
C VAL B 134 -0.94 23.48 -11.51
N ILE B 135 0.02 24.39 -11.69
CA ILE B 135 1.10 24.24 -12.65
C ILE B 135 2.41 24.10 -11.87
N PRO B 136 3.18 23.03 -12.07
CA PRO B 136 4.47 22.92 -11.37
C PRO B 136 5.56 23.77 -11.98
N ASP B 137 5.62 23.86 -13.31
CA ASP B 137 6.72 24.56 -13.98
C ASP B 137 6.22 25.18 -15.28
N TYR B 138 7.12 25.91 -15.95
CA TYR B 138 6.74 26.66 -17.14
C TYR B 138 6.40 25.75 -18.30
N ASN B 139 7.14 24.64 -18.46
CA ASN B 139 6.88 23.75 -19.58
C ASN B 139 5.44 23.23 -19.53
N THR B 140 4.98 22.86 -18.33
CA THR B 140 3.59 22.44 -18.18
C THR B 140 2.62 23.57 -18.51
N TYR B 141 2.98 24.80 -18.12
CA TYR B 141 2.14 25.95 -18.46
C TYR B 141 1.97 26.06 -19.97
N LYS B 142 3.07 26.03 -20.71
CA LYS B 142 2.99 26.14 -22.16
C LYS B 142 2.24 24.96 -22.75
N ASN B 143 2.46 23.76 -22.24
CA ASN B 143 1.82 22.58 -22.80
C ASN B 143 0.31 22.61 -22.57
N THR B 144 -0.13 23.15 -21.43
CA THR B 144 -1.53 23.08 -21.04
C THR B 144 -2.29 24.33 -21.44
N CYS B 145 -2.15 25.40 -20.64
CA CYS B 145 -2.95 26.61 -20.79
C CYS B 145 -2.03 27.83 -20.84
N ASP B 146 -1.47 28.10 -22.02
CA ASP B 146 -0.56 29.24 -22.17
C ASP B 146 -1.33 30.54 -22.38
N GLY B 147 -2.31 30.51 -23.28
CA GLY B 147 -3.01 31.74 -23.65
C GLY B 147 -4.10 32.11 -22.67
N THR B 148 -4.69 33.29 -22.91
CA THR B 148 -5.78 33.77 -22.08
C THR B 148 -7.00 32.84 -22.13
N THR B 149 -7.12 32.04 -23.19
CA THR B 149 -8.17 31.05 -23.30
C THR B 149 -7.55 29.72 -23.69
N PHE B 150 -8.09 28.63 -23.14
CA PHE B 150 -7.57 27.30 -23.41
C PHE B 150 -8.73 26.31 -23.47
N THR B 151 -8.40 25.08 -23.86
CA THR B 151 -9.38 24.01 -24.04
C THR B 151 -9.02 22.85 -23.12
N TYR B 152 -9.95 22.47 -22.26
CA TYR B 152 -9.78 21.33 -21.38
C TYR B 152 -11.14 20.68 -21.14
N ALA B 153 -11.15 19.36 -21.01
CA ALA B 153 -12.37 18.61 -20.76
C ALA B 153 -13.43 18.90 -21.82
N SER B 154 -12.97 19.07 -23.07
CA SER B 154 -13.86 19.37 -24.19
C SER B 154 -14.67 20.63 -23.92
N ALA B 155 -14.05 21.62 -23.29
CA ALA B 155 -14.71 22.88 -23.00
C ALA B 155 -13.67 23.99 -23.04
N LEU B 156 -14.13 25.20 -23.39
CA LEU B 156 -13.27 26.37 -23.49
C LEU B 156 -13.34 27.16 -22.19
N TRP B 157 -12.18 27.48 -21.63
CA TRP B 157 -12.07 28.24 -20.41
C TRP B 157 -11.26 29.50 -20.66
N GLU B 158 -11.64 30.59 -20.00
CA GLU B 158 -10.94 31.87 -20.09
C GLU B 158 -10.31 32.17 -18.74
N ILE B 159 -9.01 32.45 -18.74
CA ILE B 159 -8.30 32.68 -17.49
C ILE B 159 -8.82 33.94 -16.84
N GLN B 160 -9.06 33.88 -15.52
CA GLN B 160 -9.47 35.03 -14.74
C GLN B 160 -8.41 35.50 -13.77
N GLN B 161 -7.58 34.59 -13.25
CA GLN B 161 -6.54 34.98 -12.31
C GLN B 161 -5.43 33.94 -12.34
N VAL B 162 -4.24 34.37 -11.96
CA VAL B 162 -3.09 33.47 -11.87
C VAL B 162 -2.29 33.78 -10.61
N VAL B 163 -2.66 33.16 -9.50
CA VAL B 163 -1.97 33.42 -8.24
C VAL B 163 -0.76 32.49 -8.12
N ASP B 164 0.15 32.85 -7.23
CA ASP B 164 1.36 32.08 -6.98
C ASP B 164 1.24 31.33 -5.66
N ALA B 165 2.29 30.59 -5.32
CA ALA B 165 2.30 29.82 -4.07
C ALA B 165 2.14 30.72 -2.86
N ASP B 166 2.50 31.99 -2.97
CA ASP B 166 2.32 32.96 -1.89
C ASP B 166 1.00 33.70 -1.99
N SER B 167 0.10 33.24 -2.87
CA SER B 167 -1.24 33.81 -3.01
C SER B 167 -1.18 35.26 -3.47
N LYS B 168 -0.18 35.59 -4.29
CA LYS B 168 -0.06 36.91 -4.88
C LYS B 168 -0.49 36.87 -6.33
N ILE B 169 -1.07 37.96 -6.80
CA ILE B 169 -1.67 38.01 -8.13
C ILE B 169 -0.59 38.19 -9.19
N VAL B 170 -0.04 37.07 -9.67
CA VAL B 170 0.90 37.15 -10.80
C VAL B 170 0.14 37.50 -12.06
N GLN B 171 0.70 38.40 -12.86
CA GLN B 171 0.08 38.83 -14.10
C GLN B 171 0.54 37.95 -15.26
N LEU B 172 -0.29 37.92 -16.31
CA LEU B 172 0.00 37.06 -17.46
C LEU B 172 1.33 37.41 -18.09
N SER B 173 1.67 38.70 -18.14
CA SER B 173 2.91 39.13 -18.78
C SER B 173 4.13 38.60 -18.02
N GLU B 174 4.05 38.59 -16.69
CA GLU B 174 5.20 38.16 -15.88
C GLU B 174 5.60 36.73 -16.18
N ILE B 175 4.64 35.87 -16.52
CA ILE B 175 4.94 34.48 -16.81
C ILE B 175 5.70 34.41 -18.14
N SER B 176 6.94 33.95 -18.07
CA SER B 176 7.78 33.85 -19.26
C SER B 176 8.96 32.96 -18.94
N MET B 177 9.54 32.36 -19.99
CA MET B 177 10.72 31.52 -19.81
C MET B 177 11.86 32.31 -19.18
N ASP B 178 11.90 33.62 -19.39
CA ASP B 178 12.95 34.45 -18.82
C ASP B 178 12.70 34.72 -17.34
N ASN B 179 11.48 35.11 -16.99
CA ASN B 179 11.14 35.48 -15.62
C ASN B 179 10.61 34.31 -14.80
N SER B 180 10.58 33.10 -15.35
CA SER B 180 10.07 31.97 -14.58
C SER B 180 10.88 31.72 -13.30
N PRO B 181 12.20 31.91 -13.26
CA PRO B 181 12.91 31.72 -12.00
C PRO B 181 12.52 32.72 -10.92
N ASN B 182 11.87 33.82 -11.28
CA ASN B 182 11.43 34.83 -10.32
C ASN B 182 9.96 34.69 -9.96
N LEU B 183 9.34 33.58 -10.32
CA LEU B 183 7.94 33.32 -10.02
C LEU B 183 7.84 32.15 -9.04
N ALA B 184 6.98 32.29 -8.04
CA ALA B 184 6.86 31.31 -6.96
C ALA B 184 5.97 30.16 -7.44
N TRP B 185 6.57 29.27 -8.23
CA TRP B 185 5.88 28.05 -8.62
C TRP B 185 5.61 27.20 -7.38
N PRO B 186 4.50 26.44 -7.35
CA PRO B 186 3.50 26.23 -8.40
C PRO B 186 2.54 27.40 -8.61
N LEU B 187 1.98 27.51 -9.81
CA LEU B 187 1.08 28.60 -10.17
C LEU B 187 -0.34 28.08 -10.24
N ILE B 188 -1.25 28.71 -9.51
CA ILE B 188 -2.65 28.32 -9.47
C ILE B 188 -3.44 29.28 -10.36
N VAL B 189 -3.90 28.77 -11.50
CA VAL B 189 -4.70 29.56 -12.45
C VAL B 189 -6.16 29.24 -12.22
N THR B 190 -6.98 30.30 -12.11
CA THR B 190 -8.42 30.18 -12.00
C THR B 190 -9.07 30.76 -13.25
N ALA B 191 -9.87 29.94 -13.93
CA ALA B 191 -10.54 30.32 -15.16
C ALA B 191 -12.03 30.03 -15.03
N LEU B 192 -12.82 30.66 -15.89
CA LEU B 192 -14.26 30.50 -15.92
C LEU B 192 -14.69 29.86 -17.24
N ARG B 193 -15.77 29.09 -17.19
CA ARG B 193 -16.27 28.44 -18.39
C ARG B 193 -16.82 29.48 -19.36
N ALA B 194 -16.50 29.30 -20.64
CA ALA B 194 -16.96 30.21 -21.68
C ALA B 194 -18.29 29.75 -22.24
N SER C 4 32.48 17.33 19.06
CA SER C 4 33.04 17.37 17.68
C SER C 4 32.31 18.41 16.85
N LYS C 5 32.98 18.94 15.84
CA LYS C 5 32.46 20.08 15.10
C LYS C 5 31.25 19.69 14.25
N MET C 6 31.18 18.46 13.75
CA MET C 6 30.09 18.06 12.87
C MET C 6 28.75 18.06 13.60
N SER C 7 28.72 17.49 14.80
CA SER C 7 27.47 17.44 15.55
C SER C 7 27.00 18.84 15.93
N ASP C 8 27.92 19.71 16.34
CA ASP C 8 27.55 21.08 16.67
C ASP C 8 27.09 21.84 15.43
N VAL C 9 27.68 21.55 14.27
CA VAL C 9 27.20 22.16 13.03
C VAL C 9 25.77 21.72 12.74
N LYS C 10 25.49 20.43 12.92
CA LYS C 10 24.13 19.93 12.70
C LYS C 10 23.13 20.60 13.64
N CYS C 11 23.48 20.68 14.93
CA CYS C 11 22.59 21.28 15.90
C CYS C 11 22.40 22.77 15.64
N THR C 12 23.47 23.46 15.22
CA THR C 12 23.35 24.87 14.87
C THR C 12 22.41 25.05 13.68
N SER C 13 22.51 24.16 12.69
CA SER C 13 21.58 24.21 11.56
C SER C 13 20.14 24.03 12.02
N VAL C 14 19.92 23.08 12.93
CA VAL C 14 18.57 22.85 13.44
C VAL C 14 18.02 24.11 14.11
N VAL C 15 18.79 24.68 15.04
CA VAL C 15 18.31 25.87 15.74
C VAL C 15 18.15 27.05 14.78
N LEU C 16 19.03 27.13 13.77
CA LEU C 16 18.94 28.22 12.80
C LEU C 16 17.65 28.12 12.00
N LEU C 17 17.31 26.91 11.53
CA LEU C 17 16.06 26.74 10.81
C LEU C 17 14.86 26.97 11.71
N SER C 18 14.97 26.63 13.01
CA SER C 18 13.87 26.94 13.93
C SER C 18 13.67 28.45 14.05
N VAL C 19 14.77 29.19 14.19
CA VAL C 19 14.67 30.65 14.28
C VAL C 19 14.08 31.21 12.99
N LEU C 20 14.53 30.71 11.84
CA LEU C 20 14.00 31.18 10.57
C LEU C 20 12.52 30.89 10.44
N GLN C 21 12.09 29.73 10.94
CA GLN C 21 10.67 29.40 10.93
C GLN C 21 9.88 30.37 11.80
N GLN C 22 10.37 30.65 13.00
CA GLN C 22 9.70 31.63 13.85
C GLN C 22 9.86 33.05 13.33
N LEU C 23 10.66 33.26 12.29
CA LEU C 23 10.79 34.54 11.62
C LEU C 23 9.80 34.71 10.48
N ARG C 24 8.85 33.79 10.33
CA ARG C 24 7.86 33.83 9.26
C ARG C 24 8.51 33.76 7.88
N VAL C 25 9.62 33.01 7.77
CA VAL C 25 10.23 32.80 6.48
C VAL C 25 9.39 31.84 5.64
N GLU C 26 8.65 30.94 6.29
CA GLU C 26 7.78 30.03 5.57
C GLU C 26 6.66 30.75 4.83
N SER C 27 6.40 32.02 5.14
CA SER C 27 5.42 32.79 4.38
C SER C 27 5.83 32.92 2.93
N SER C 28 7.13 33.06 2.67
CA SER C 28 7.69 33.09 1.33
C SER C 28 8.10 31.67 0.95
N SER C 29 7.59 31.18 -0.18
CA SER C 29 7.72 29.76 -0.51
C SER C 29 9.16 29.40 -0.88
N LYS C 30 9.77 30.17 -1.78
CA LYS C 30 11.07 29.77 -2.32
C LYS C 30 12.17 29.93 -1.29
N LEU C 31 12.10 30.98 -0.46
CA LEU C 31 13.07 31.11 0.63
C LEU C 31 12.99 29.91 1.57
N TRP C 32 11.77 29.51 1.92
CA TRP C 32 11.60 28.34 2.78
C TRP C 32 12.13 27.08 2.11
N ALA C 33 11.88 26.93 0.81
CA ALA C 33 12.39 25.75 0.10
C ALA C 33 13.91 25.71 0.15
N GLN C 34 14.56 26.84 -0.11
CA GLN C 34 16.02 26.89 -0.06
C GLN C 34 16.53 26.55 1.34
N CYS C 35 15.93 27.16 2.37
CA CYS C 35 16.38 26.90 3.73
C CYS C 35 16.19 25.44 4.11
N VAL C 36 15.05 24.85 3.73
CA VAL C 36 14.78 23.47 4.07
C VAL C 36 15.75 22.54 3.37
N GLN C 37 16.03 22.80 2.08
CA GLN C 37 16.99 21.97 1.36
C GLN C 37 18.37 22.07 2.01
N LEU C 38 18.81 23.29 2.33
CA LEU C 38 20.11 23.46 2.95
C LEU C 38 20.19 22.72 4.28
N HIS C 39 19.15 22.85 5.11
CA HIS C 39 19.17 22.21 6.42
C HIS C 39 19.15 20.69 6.31
N ASN C 40 18.30 20.16 5.42
CA ASN C 40 18.24 18.71 5.24
C ASN C 40 19.57 18.17 4.73
N ASP C 41 20.22 18.90 3.82
CA ASP C 41 21.52 18.45 3.32
C ASP C 41 22.58 18.54 4.42
N ILE C 42 22.48 19.55 5.29
CA ILE C 42 23.41 19.65 6.40
C ILE C 42 23.26 18.45 7.33
N LEU C 43 22.01 18.09 7.65
CA LEU C 43 21.79 16.97 8.56
C LEU C 43 22.28 15.66 7.96
N LEU C 44 22.20 15.52 6.64
CA LEU C 44 22.66 14.31 5.96
C LEU C 44 24.10 14.42 5.47
N ALA C 45 24.78 15.52 5.76
CA ALA C 45 26.14 15.71 5.26
C ALA C 45 27.11 14.82 6.02
N LYS C 46 27.97 14.13 5.28
CA LYS C 46 29.00 13.28 5.87
C LYS C 46 30.38 13.91 5.85
N ASP C 47 30.53 15.07 5.21
CA ASP C 47 31.79 15.81 5.18
C ASP C 47 31.57 17.16 5.84
N THR C 48 32.50 17.55 6.71
CA THR C 48 32.28 18.71 7.56
C THR C 48 32.38 20.02 6.78
N THR C 49 33.23 20.07 5.75
CA THR C 49 33.42 21.32 5.03
C THR C 49 32.16 21.75 4.28
N GLU C 50 31.50 20.80 3.60
CA GLU C 50 30.28 21.13 2.88
C GLU C 50 29.16 21.50 3.85
N ALA C 51 29.09 20.81 4.99
CA ALA C 51 28.13 21.18 6.02
C ALA C 51 28.38 22.59 6.51
N PHE C 52 29.64 22.97 6.69
CA PHE C 52 29.96 24.32 7.13
C PHE C 52 29.57 25.35 6.06
N GLU C 53 29.77 25.00 4.79
CA GLU C 53 29.37 25.93 3.72
C GLU C 53 27.87 26.14 3.72
N LYS C 54 27.09 25.06 3.81
CA LYS C 54 25.64 25.21 3.86
C LYS C 54 25.20 25.96 5.12
N MET C 55 25.88 25.74 6.24
CA MET C 55 25.56 26.47 7.46
C MET C 55 25.85 27.96 7.29
N VAL C 56 26.93 28.30 6.60
CA VAL C 56 27.23 29.69 6.30
C VAL C 56 26.15 30.29 5.42
N SER C 57 25.66 29.51 4.45
CA SER C 57 24.59 30.00 3.58
C SER C 57 23.32 30.28 4.38
N LEU C 58 22.97 29.38 5.30
CA LEU C 58 21.78 29.59 6.13
C LEU C 58 21.96 30.79 7.05
N LEU C 59 23.15 30.94 7.63
CA LEU C 59 23.41 32.10 8.47
C LEU C 59 23.34 33.39 7.66
N SER C 60 23.75 33.34 6.39
CA SER C 60 23.60 34.50 5.52
C SER C 60 22.12 34.80 5.28
N VAL C 61 21.32 33.75 5.07
CA VAL C 61 19.87 33.94 4.93
C VAL C 61 19.32 34.67 6.14
N LEU C 62 19.73 34.24 7.35
CA LEU C 62 19.25 34.90 8.56
C LEU C 62 19.77 36.34 8.64
N LEU C 63 21.05 36.56 8.34
CA LEU C 63 21.65 37.87 8.51
C LEU C 63 21.03 38.89 7.56
N SER C 64 20.68 38.47 6.34
CA SER C 64 20.14 39.41 5.36
C SER C 64 18.92 40.14 5.91
N MET C 65 18.04 39.42 6.60
CA MET C 65 16.87 40.05 7.22
C MET C 65 17.21 40.56 8.61
C8 F86 D 13 9.03 1.34 22.71
C5 F86 D 13 7.67 3.12 21.57
C6 F86 D 13 11.31 5.31 21.47
N1 F86 D 13 6.50 2.41 21.42
C2 F86 D 13 9.64 2.13 20.42
N3 F86 D 13 9.00 0.45 23.41
C4 F86 D 13 10.97 3.85 21.37
O2 F86 D 13 10.54 1.05 20.63
N2 F86 D 13 6.27 1.04 21.44
O4 F86 D 13 10.18 6.14 21.28
N4 F86 D 13 3.99 1.41 21.12
C7 F86 D 13 7.36 4.46 21.48
O6 F86 D 13 9.02 8.33 20.85
C1 F86 D 13 9.06 2.54 21.76
C10 F86 D 13 6.01 4.56 21.29
C11 F86 D 13 4.20 2.73 21.10
C12 F86 D 13 5.03 0.56 21.29
C3 F86 D 13 10.41 3.38 20.03
C9 F86 D 13 5.50 3.23 21.26
N5 F86 D 13 3.09 3.65 20.93
O1 F86 D 13 9.92 3.53 22.31
O3 F86 D 13 11.41 3.17 19.05
O5 F86 D 13 11.63 8.14 20.89
P1 F86 D 13 10.28 7.72 21.43
ZN ZN F . -18.62 -15.05 -8.95
ZN ZN G . -20.73 -11.46 11.57
#